data_4K3H
#
_entry.id   4K3H
#
_cell.length_a   94.11
_cell.length_b   94.11
_cell.length_c   175.80
_cell.angle_alpha   90.00
_cell.angle_beta   90.00
_cell.angle_gamma   90.00
#
_symmetry.space_group_name_H-M   'P 43'
#
loop_
_entity.id
_entity.type
_entity.pdbx_description
1 polymer 'Immunoglobulin lambda variable domain L5(L89S)'
2 non-polymer 4-{bis[4-(dimethylamino)phenyl]methyl}phenol
3 non-polymer GLYCEROL
4 non-polymer alpha-D-mannopyranose
5 water water
#
_entity_poly.entity_id   1
_entity_poly.type   'polypeptide(L)'
_entity_poly.pdbx_seq_one_letter_code
;QAVVTQEPSVTVSPGGTVILTCGSSTGAVTSGHYANWFQQKPGQAPRALIFETDKKYSWTPGRFSGSLLGAKAALTISDA
QPEDEAEYYCSLSDVDGYLFGGGTQLTVLSTGHHHHHH
;
_entity_poly.pdbx_strand_id   A,B,C,D,E,F,G,H
#
# COMPACT_ATOMS: atom_id res chain seq x y z
N GLN A 1 -7.84 1.67 -15.56
CA GLN A 1 -8.86 0.70 -15.18
C GLN A 1 -9.42 0.95 -13.76
N ALA A 2 -10.63 0.48 -13.49
CA ALA A 2 -11.27 0.76 -12.20
C ALA A 2 -10.86 -0.24 -11.10
N VAL A 3 -10.56 0.29 -9.91
CA VAL A 3 -10.24 -0.55 -8.76
C VAL A 3 -10.96 -0.13 -7.48
N VAL A 4 -11.15 -1.10 -6.59
CA VAL A 4 -11.74 -0.86 -5.30
C VAL A 4 -10.61 -0.93 -4.29
N THR A 5 -10.53 0.08 -3.42
CA THR A 5 -9.37 0.24 -2.55
C THR A 5 -9.74 0.15 -1.08
N GLN A 6 -9.06 -0.73 -0.35
CA GLN A 6 -9.24 -0.83 1.11
C GLN A 6 -7.89 -0.60 1.75
N GLU A 7 -7.87 -0.14 2.99
CA GLU A 7 -6.59 -0.04 3.67
C GLU A 7 -6.04 -1.44 3.93
N PRO A 8 -4.74 -1.66 3.69
CA PRO A 8 -4.17 -3.01 3.79
C PRO A 8 -4.21 -3.58 5.19
N SER A 9 -4.07 -2.70 6.17
CA SER A 9 -3.75 -3.12 7.52
C SER A 9 -4.28 -2.10 8.51
N VAL A 10 -5.04 -2.53 9.50
CA VAL A 10 -5.48 -1.64 10.57
C VAL A 10 -5.43 -2.40 11.89
N THR A 11 -5.20 -1.66 12.97
CA THR A 11 -5.05 -2.22 14.30
C THR A 11 -6.05 -1.53 15.25
N VAL A 12 -6.68 -2.30 16.13
CA VAL A 12 -7.59 -1.79 17.15
C VAL A 12 -7.27 -2.55 18.43
N SER A 13 -7.59 -1.98 19.60
CA SER A 13 -7.41 -2.75 20.83
C SER A 13 -8.73 -3.41 21.25
N PRO A 14 -8.66 -4.48 22.05
CA PRO A 14 -9.91 -5.10 22.53
C PRO A 14 -10.81 -4.06 23.17
N GLY A 15 -12.08 -4.06 22.80
CA GLY A 15 -13.00 -3.08 23.30
C GLY A 15 -13.08 -1.84 22.43
N GLY A 16 -12.10 -1.66 21.56
CA GLY A 16 -12.05 -0.49 20.70
C GLY A 16 -13.00 -0.49 19.53
N THR A 17 -13.05 0.65 18.85
CA THR A 17 -13.88 0.87 17.67
C THR A 17 -12.95 1.26 16.53
N VAL A 18 -13.14 0.63 15.38
CA VAL A 18 -12.27 0.90 14.25
C VAL A 18 -13.10 0.95 12.97
N ILE A 19 -12.70 1.79 12.04
CA ILE A 19 -13.41 1.95 10.79
C ILE A 19 -12.58 1.37 9.63
N LEU A 20 -13.18 0.47 8.86
CA LEU A 20 -12.54 0.04 7.61
C LEU A 20 -13.27 0.72 6.45
N THR A 21 -12.52 1.28 5.51
CA THR A 21 -13.14 1.97 4.39
C THR A 21 -12.95 1.21 3.10
N CYS A 22 -13.76 1.56 2.11
CA CYS A 22 -13.79 0.83 0.86
C CYS A 22 -14.10 1.87 -0.17
N GLY A 23 -13.10 2.20 -0.97
CA GLY A 23 -13.23 3.26 -1.95
C GLY A 23 -13.25 2.81 -3.39
N SER A 24 -13.83 3.63 -4.26
CA SER A 24 -13.82 3.39 -5.69
C SER A 24 -12.92 4.41 -6.39
N SER A 25 -12.07 3.93 -7.31
CA SER A 25 -11.12 4.81 -8.00
C SER A 25 -11.76 5.68 -9.09
N THR A 26 -13.04 5.49 -9.36
CA THR A 26 -13.69 6.24 -10.43
C THR A 26 -14.90 7.01 -9.94
N GLY A 27 -14.83 7.53 -8.72
CA GLY A 27 -15.92 8.32 -8.19
C GLY A 27 -16.26 7.95 -6.76
N ALA A 28 -17.23 8.67 -6.20
CA ALA A 28 -17.72 8.39 -4.86
C ALA A 28 -18.51 7.09 -4.84
N VAL A 29 -18.49 6.42 -3.70
CA VAL A 29 -19.30 5.24 -3.48
C VAL A 29 -20.67 5.68 -2.99
N THR A 30 -21.72 5.15 -3.59
CA THR A 30 -23.08 5.46 -3.14
C THR A 30 -23.80 4.17 -2.79
N SER A 31 -24.99 4.29 -2.21
CA SER A 31 -25.82 3.11 -1.92
C SER A 31 -26.13 2.34 -3.21
N GLY A 32 -25.99 3.00 -4.34
CA GLY A 32 -26.18 2.37 -5.64
C GLY A 32 -25.08 1.39 -6.02
N HIS A 33 -24.05 1.29 -5.19
CA HIS A 33 -23.00 0.28 -5.40
C HIS A 33 -23.26 -0.97 -4.60
N TYR A 34 -24.24 -0.91 -3.70
CA TYR A 34 -24.66 -2.07 -2.91
C TYR A 34 -23.47 -2.79 -2.22
N ALA A 35 -22.63 -2.03 -1.53
CA ALA A 35 -21.43 -2.60 -0.89
C ALA A 35 -21.70 -3.85 -0.06
N ASN A 36 -20.95 -4.91 -0.34
CA ASN A 36 -20.97 -6.09 0.51
C ASN A 36 -19.68 -6.19 1.27
N TRP A 37 -19.73 -6.75 2.47
CA TRP A 37 -18.51 -7.00 3.24
C TRP A 37 -18.44 -8.48 3.60
N PHE A 38 -17.23 -9.00 3.61
CA PHE A 38 -16.97 -10.40 3.86
C PHE A 38 -15.82 -10.50 4.84
N GLN A 39 -15.76 -11.62 5.56
CA GLN A 39 -14.80 -11.81 6.62
C GLN A 39 -14.10 -13.14 6.40
N GLN A 40 -12.77 -13.15 6.45
CA GLN A 40 -12.09 -14.43 6.46
C GLN A 40 -11.13 -14.53 7.62
N LYS A 41 -11.49 -15.33 8.60
CA LYS A 41 -10.62 -15.60 9.74
C LYS A 41 -9.56 -16.61 9.32
N PRO A 42 -8.39 -16.58 9.97
CA PRO A 42 -7.34 -17.52 9.57
C PRO A 42 -7.80 -18.97 9.71
N GLY A 43 -7.67 -19.72 8.62
CA GLY A 43 -8.02 -21.12 8.57
C GLY A 43 -9.49 -21.40 8.27
N GLN A 44 -10.29 -20.34 8.17
CA GLN A 44 -11.71 -20.51 8.00
C GLN A 44 -12.23 -20.17 6.60
N ALA A 45 -13.41 -20.69 6.30
CA ALA A 45 -14.14 -20.36 5.10
C ALA A 45 -14.58 -18.89 5.20
N PRO A 46 -14.62 -18.17 4.06
CA PRO A 46 -15.11 -16.78 4.14
C PRO A 46 -16.60 -16.75 4.48
N ARG A 47 -17.01 -15.83 5.35
CA ARG A 47 -18.41 -15.56 5.68
C ARG A 47 -18.86 -14.24 5.05
N ALA A 48 -20.12 -14.14 4.68
CA ALA A 48 -20.70 -12.83 4.34
C ALA A 48 -21.14 -12.13 5.61
N LEU A 49 -20.96 -10.81 5.67
CA LEU A 49 -21.28 -10.00 6.87
C LEU A 49 -22.30 -8.90 6.65
N ILE A 50 -22.12 -8.14 5.58
CA ILE A 50 -22.92 -6.97 5.29
C ILE A 50 -23.25 -7.03 3.81
N PHE A 51 -24.45 -6.60 3.44
CA PHE A 51 -24.83 -6.46 2.05
C PHE A 51 -25.68 -5.22 1.97
N GLU A 52 -25.92 -4.76 0.74
CA GLU A 52 -26.65 -3.52 0.49
C GLU A 52 -26.19 -2.41 1.43
N THR A 53 -24.88 -2.20 1.46
CA THR A 53 -24.24 -1.15 2.29
C THR A 53 -24.31 -1.35 3.81
N ASP A 54 -25.49 -1.67 4.34
CA ASP A 54 -25.66 -1.67 5.78
C ASP A 54 -26.60 -2.73 6.33
N LYS A 55 -27.04 -3.65 5.48
CA LYS A 55 -27.89 -4.73 5.98
C LYS A 55 -27.05 -5.86 6.60
N LYS A 56 -27.54 -6.43 7.69
CA LYS A 56 -26.83 -7.49 8.38
C LYS A 56 -27.52 -8.82 8.15
N TYR A 57 -26.77 -9.90 8.27
CA TYR A 57 -27.34 -11.24 8.25
C TYR A 57 -27.69 -11.59 9.70
N SER A 58 -28.48 -12.64 9.90
CA SER A 58 -28.82 -13.03 11.25
C SER A 58 -27.59 -13.43 12.06
N TRP A 59 -26.51 -13.82 11.38
CA TRP A 59 -25.31 -14.24 12.10
C TRP A 59 -24.25 -13.13 12.22
N THR A 60 -24.55 -11.93 11.72
CA THR A 60 -23.59 -10.83 11.83
C THR A 60 -23.67 -10.22 13.24
N PRO A 61 -22.55 -10.25 13.98
CA PRO A 61 -22.59 -9.67 15.34
C PRO A 61 -22.99 -8.21 15.26
N GLY A 62 -23.81 -7.75 16.20
CA GLY A 62 -24.31 -6.38 16.16
C GLY A 62 -23.22 -5.32 16.27
N ARG A 63 -22.02 -5.73 16.70
CA ARG A 63 -20.92 -4.79 16.76
C ARG A 63 -20.32 -4.48 15.36
N PHE A 64 -20.84 -5.12 14.33
CA PHE A 64 -20.49 -4.75 12.97
C PHE A 64 -21.58 -3.84 12.42
N SER A 65 -21.19 -2.72 11.81
CA SER A 65 -22.18 -1.96 11.05
C SER A 65 -21.59 -1.38 9.78
N GLY A 66 -22.39 -1.37 8.73
CA GLY A 66 -21.95 -0.89 7.42
C GLY A 66 -22.57 0.47 7.21
N SER A 67 -21.89 1.34 6.47
CA SER A 67 -22.38 2.68 6.22
C SER A 67 -21.64 3.32 5.07
N LEU A 68 -22.15 4.46 4.60
CA LEU A 68 -21.40 5.29 3.67
C LEU A 68 -20.76 6.40 4.46
N LEU A 69 -19.49 6.67 4.17
CA LEU A 69 -18.73 7.60 4.98
C LEU A 69 -17.81 8.38 4.08
N GLY A 70 -18.08 9.67 3.94
CA GLY A 70 -17.41 10.46 2.93
C GLY A 70 -17.73 9.87 1.58
N ALA A 71 -16.70 9.68 0.76
CA ALA A 71 -16.90 9.18 -0.60
C ALA A 71 -16.77 7.66 -0.65
N LYS A 72 -16.82 7.04 0.51
CA LYS A 72 -16.49 5.62 0.62
C LYS A 72 -17.55 4.80 1.33
N ALA A 73 -17.49 3.50 1.15
CA ALA A 73 -18.25 2.59 2.01
C ALA A 73 -17.39 2.31 3.25
N ALA A 74 -18.04 1.96 4.34
CA ALA A 74 -17.29 1.72 5.54
C ALA A 74 -17.89 0.63 6.39
N LEU A 75 -17.01 -0.13 7.03
CA LEU A 75 -17.38 -1.18 7.96
C LEU A 75 -16.86 -0.74 9.33
N THR A 76 -17.77 -0.36 10.23
CA THR A 76 -17.36 0.03 11.57
C THR A 76 -17.48 -1.14 12.53
N ILE A 77 -16.39 -1.47 13.20
CA ILE A 77 -16.36 -2.58 14.14
C ILE A 77 -16.18 -1.98 15.53
N SER A 78 -17.22 -2.04 16.35
CA SER A 78 -17.06 -1.52 17.70
C SER A 78 -16.96 -2.65 18.74
N ASP A 79 -16.51 -2.29 19.94
CA ASP A 79 -16.31 -3.27 21.01
C ASP A 79 -15.53 -4.48 20.45
N ALA A 80 -14.39 -4.19 19.82
CA ALA A 80 -13.68 -5.19 19.03
C ALA A 80 -13.26 -6.36 19.90
N GLN A 81 -13.44 -7.55 19.37
CA GLN A 81 -13.11 -8.77 20.09
C GLN A 81 -11.89 -9.45 19.44
N PRO A 82 -11.15 -10.26 20.23
CA PRO A 82 -10.05 -11.01 19.62
C PRO A 82 -10.48 -11.76 18.36
N GLU A 83 -11.70 -12.30 18.37
CA GLU A 83 -12.13 -13.12 17.25
C GLU A 83 -12.40 -12.28 16.00
N ASP A 84 -12.37 -10.94 16.15
CA ASP A 84 -12.64 -10.08 15.01
C ASP A 84 -11.38 -9.93 14.17
N GLU A 85 -10.27 -10.48 14.65
CA GLU A 85 -9.03 -10.42 13.92
C GLU A 85 -9.17 -11.33 12.70
N ALA A 86 -9.05 -10.73 11.52
CA ALA A 86 -9.41 -11.42 10.28
C ALA A 86 -9.08 -10.53 9.11
N GLU A 87 -9.16 -11.10 7.92
CA GLU A 87 -9.11 -10.32 6.70
C GLU A 87 -10.55 -9.89 6.34
N TYR A 88 -10.75 -8.62 6.01
CA TYR A 88 -12.08 -8.15 5.61
C TYR A 88 -12.06 -7.70 4.15
N TYR A 89 -12.99 -8.21 3.37
CA TYR A 89 -13.11 -7.79 1.99
C TYR A 89 -14.39 -7.01 1.79
N CYS A 90 -14.31 -5.92 1.04
CA CYS A 90 -15.52 -5.30 0.50
C CYS A 90 -15.62 -5.56 -1.01
N SER A 91 -16.85 -5.48 -1.52
CA SER A 91 -17.10 -5.56 -2.93
C SER A 91 -18.10 -4.47 -3.30
N LEU A 92 -17.91 -3.85 -4.46
CA LEU A 92 -18.83 -2.83 -4.94
C LEU A 92 -19.32 -3.28 -6.30
N SER A 93 -20.51 -2.89 -6.69
CA SER A 93 -20.91 -3.25 -8.04
C SER A 93 -21.63 -2.15 -8.76
N ASP A 94 -21.70 -2.29 -10.09
CA ASP A 94 -22.57 -1.47 -10.92
C ASP A 94 -23.25 -2.33 -11.98
N VAL A 95 -23.82 -1.68 -12.99
CA VAL A 95 -24.52 -2.37 -14.08
C VAL A 95 -23.65 -3.40 -14.80
N ASP A 96 -22.33 -3.20 -14.77
CA ASP A 96 -21.38 -4.03 -15.50
C ASP A 96 -20.69 -5.15 -14.71
N GLY A 97 -20.91 -5.23 -13.41
CA GLY A 97 -20.28 -6.26 -12.63
C GLY A 97 -19.90 -5.81 -11.25
N TYR A 98 -19.16 -6.65 -10.54
CA TYR A 98 -18.74 -6.33 -9.19
C TYR A 98 -17.22 -6.46 -9.07
N LEU A 99 -16.63 -5.66 -8.18
CA LEU A 99 -15.20 -5.70 -7.95
C LEU A 99 -14.93 -5.84 -6.46
N PHE A 100 -13.92 -6.64 -6.15
CA PHE A 100 -13.47 -6.79 -4.79
C PHE A 100 -12.26 -5.88 -4.53
N GLY A 101 -12.20 -5.33 -3.33
CA GLY A 101 -11.01 -4.64 -2.86
C GLY A 101 -9.94 -5.66 -2.48
N GLY A 102 -8.74 -5.19 -2.20
CA GLY A 102 -7.64 -6.07 -1.90
C GLY A 102 -7.73 -6.73 -0.53
N GLY A 103 -8.62 -6.22 0.33
CA GLY A 103 -8.74 -6.79 1.66
C GLY A 103 -8.02 -5.97 2.71
N THR A 104 -8.60 -5.91 3.90
CA THR A 104 -7.97 -5.24 5.01
C THR A 104 -7.64 -6.25 6.07
N GLN A 105 -6.39 -6.30 6.49
CA GLN A 105 -6.01 -7.14 7.61
C GLN A 105 -6.29 -6.39 8.93
N LEU A 106 -7.19 -6.93 9.73
CA LEU A 106 -7.49 -6.30 11.00
C LEU A 106 -6.78 -7.06 12.11
N THR A 107 -5.93 -6.34 12.84
CA THR A 107 -5.25 -6.91 14.00
C THR A 107 -5.90 -6.41 15.29
N VAL A 108 -6.32 -7.33 16.14
CA VAL A 108 -6.80 -6.98 17.49
C VAL A 108 -5.69 -7.42 18.45
N LEU A 109 -5.22 -6.55 19.34
CA LEU A 109 -4.15 -7.01 20.23
C LEU A 109 -4.64 -7.51 21.60
N GLN B 1 -23.07 -29.18 6.13
CA GLN B 1 -22.32 -30.06 5.22
C GLN B 1 -22.92 -30.15 3.80
N ALA B 2 -23.85 -29.25 3.48
CA ALA B 2 -24.60 -29.30 2.22
C ALA B 2 -23.87 -28.70 1.03
N VAL B 3 -24.21 -29.15 -0.17
CA VAL B 3 -23.79 -28.41 -1.34
C VAL B 3 -25.00 -27.78 -2.04
N VAL B 4 -24.75 -26.73 -2.81
CA VAL B 4 -25.80 -26.08 -3.61
C VAL B 4 -26.10 -26.80 -4.94
N THR B 5 -27.38 -27.02 -5.23
CA THR B 5 -27.73 -27.79 -6.43
C THR B 5 -28.47 -26.94 -7.48
N GLN B 6 -28.11 -27.09 -8.74
CA GLN B 6 -28.76 -26.36 -9.84
C GLN B 6 -28.84 -27.29 -11.04
N GLU B 7 -29.98 -27.36 -11.71
CA GLU B 7 -30.04 -28.06 -12.99
C GLU B 7 -29.04 -27.42 -13.97
N PRO B 8 -28.19 -28.26 -14.60
CA PRO B 8 -27.14 -27.84 -15.54
C PRO B 8 -27.66 -27.06 -16.74
N SER B 9 -28.75 -27.49 -17.33
CA SER B 9 -29.29 -26.77 -18.48
C SER B 9 -30.79 -26.72 -18.48
N VAL B 10 -31.31 -25.63 -19.03
CA VAL B 10 -32.71 -25.32 -19.00
C VAL B 10 -32.98 -24.47 -20.25
N THR B 11 -34.14 -24.69 -20.87
CA THR B 11 -34.49 -23.96 -22.07
C THR B 11 -35.78 -23.16 -21.88
N VAL B 12 -35.98 -22.17 -22.75
CA VAL B 12 -37.17 -21.35 -22.71
C VAL B 12 -37.50 -20.87 -24.12
N SER B 13 -38.77 -20.68 -24.39
CA SER B 13 -39.15 -20.14 -25.67
C SER B 13 -39.12 -18.61 -25.55
N PRO B 14 -38.80 -17.91 -26.65
CA PRO B 14 -38.83 -16.45 -26.60
C PRO B 14 -40.18 -15.97 -26.14
N GLY B 15 -40.21 -15.02 -25.20
CA GLY B 15 -41.45 -14.50 -24.66
C GLY B 15 -42.00 -15.36 -23.55
N GLY B 16 -41.37 -16.51 -23.34
CA GLY B 16 -41.82 -17.46 -22.34
C GLY B 16 -41.31 -17.16 -20.94
N THR B 17 -41.92 -17.81 -19.96
CA THR B 17 -41.54 -17.71 -18.56
C THR B 17 -40.79 -18.99 -18.17
N VAL B 18 -39.65 -18.82 -17.50
CA VAL B 18 -38.84 -19.96 -17.06
C VAL B 18 -38.42 -19.76 -15.62
N ILE B 19 -38.43 -20.86 -14.85
CA ILE B 19 -38.05 -20.79 -13.44
C ILE B 19 -36.78 -21.59 -13.20
N LEU B 20 -35.72 -20.92 -12.74
CA LEU B 20 -34.49 -21.61 -12.40
C LEU B 20 -34.52 -21.82 -10.92
N THR B 21 -34.08 -22.99 -10.48
CA THR B 21 -34.19 -23.31 -9.08
C THR B 21 -32.84 -23.65 -8.53
N CYS B 22 -32.70 -23.39 -7.25
CA CYS B 22 -31.44 -23.58 -6.59
C CYS B 22 -31.75 -24.27 -5.28
N GLY B 23 -31.12 -25.42 -5.08
CA GLY B 23 -31.43 -26.27 -3.95
C GLY B 23 -30.25 -26.48 -3.01
N SER B 24 -30.54 -27.07 -1.87
CA SER B 24 -29.52 -27.51 -0.95
C SER B 24 -29.58 -29.03 -0.95
N SER B 25 -28.43 -29.67 -0.93
CA SER B 25 -28.40 -31.14 -0.90
C SER B 25 -28.91 -31.78 0.40
N THR B 26 -28.87 -31.07 1.53
CA THR B 26 -29.28 -31.66 2.81
C THR B 26 -30.71 -31.33 3.22
N GLY B 27 -31.16 -30.13 2.89
CA GLY B 27 -32.48 -29.74 3.35
C GLY B 27 -33.13 -28.68 2.51
N ALA B 28 -34.03 -27.92 3.12
CA ALA B 28 -34.81 -26.93 2.41
C ALA B 28 -34.02 -25.64 2.40
N VAL B 29 -34.25 -24.84 1.36
CA VAL B 29 -33.68 -23.52 1.30
C VAL B 29 -34.72 -22.57 1.87
N THR B 30 -34.31 -21.74 2.82
CA THR B 30 -35.22 -20.76 3.38
C THR B 30 -34.61 -19.39 3.22
N SER B 31 -35.36 -18.36 3.63
CA SER B 31 -34.92 -16.99 3.48
C SER B 31 -33.70 -16.73 4.36
N GLY B 32 -33.53 -17.59 5.37
CA GLY B 32 -32.32 -17.59 6.19
C GLY B 32 -31.03 -17.93 5.45
N HIS B 33 -31.13 -18.43 4.21
CA HIS B 33 -29.96 -18.69 3.39
C HIS B 33 -29.57 -17.48 2.55
N TYR B 34 -30.45 -16.47 2.52
CA TYR B 34 -30.22 -15.22 1.79
C TYR B 34 -29.72 -15.44 0.35
N ALA B 35 -30.42 -16.28 -0.40
CA ALA B 35 -30.00 -16.68 -1.73
C ALA B 35 -29.66 -15.48 -2.63
N ASN B 36 -28.47 -15.50 -3.21
CA ASN B 36 -28.09 -14.52 -4.24
C ASN B 36 -28.06 -15.18 -5.62
N TRP B 37 -28.43 -14.43 -6.66
CA TRP B 37 -28.29 -14.91 -8.02
C TRP B 37 -27.38 -14.01 -8.85
N PHE B 38 -26.62 -14.64 -9.73
CA PHE B 38 -25.63 -13.96 -10.55
C PHE B 38 -25.80 -14.41 -12.01
N GLN B 39 -25.65 -13.48 -12.94
CA GLN B 39 -25.70 -13.79 -14.36
C GLN B 39 -24.31 -13.75 -14.98
N GLN B 40 -23.98 -14.74 -15.79
CA GLN B 40 -22.71 -14.67 -16.49
C GLN B 40 -22.74 -15.14 -17.95
N LYS B 41 -22.26 -14.28 -18.84
CA LYS B 41 -22.13 -14.65 -20.24
C LYS B 41 -20.70 -15.13 -20.46
N PRO B 42 -20.51 -16.09 -21.37
CA PRO B 42 -19.16 -16.71 -21.44
C PRO B 42 -18.04 -15.70 -21.76
N GLY B 43 -16.95 -15.80 -21.00
CA GLY B 43 -15.83 -14.90 -21.14
C GLY B 43 -16.00 -13.60 -20.37
N GLN B 44 -17.21 -13.35 -19.89
CA GLN B 44 -17.51 -12.04 -19.35
C GLN B 44 -17.57 -12.05 -17.83
N ALA B 45 -17.34 -10.88 -17.24
CA ALA B 45 -17.50 -10.69 -15.81
C ALA B 45 -18.94 -10.96 -15.37
N PRO B 46 -19.12 -11.74 -14.29
CA PRO B 46 -20.46 -12.04 -13.75
C PRO B 46 -21.13 -10.78 -13.21
N ARG B 47 -22.45 -10.80 -13.18
CA ARG B 47 -23.22 -9.63 -12.81
C ARG B 47 -24.26 -10.07 -11.77
N ALA B 48 -24.37 -9.30 -10.69
CA ALA B 48 -25.29 -9.61 -9.60
C ALA B 48 -26.71 -9.21 -9.97
N LEU B 49 -27.66 -10.09 -9.71
CA LEU B 49 -29.05 -9.89 -10.12
C LEU B 49 -30.02 -9.84 -8.95
N ILE B 50 -29.83 -10.72 -7.97
CA ILE B 50 -30.74 -10.88 -6.85
C ILE B 50 -29.96 -11.12 -5.57
N PHE B 51 -30.38 -10.48 -4.47
CA PHE B 51 -29.83 -10.76 -3.16
C PHE B 51 -30.96 -10.95 -2.15
N GLU B 52 -30.63 -11.53 -0.98
CA GLU B 52 -31.60 -11.72 0.08
C GLU B 52 -32.88 -12.38 -0.45
N THR B 53 -32.70 -13.49 -1.16
CA THR B 53 -33.81 -14.22 -1.79
C THR B 53 -34.55 -13.48 -2.93
N ASP B 54 -35.03 -12.25 -2.70
CA ASP B 54 -35.88 -11.61 -3.70
C ASP B 54 -35.67 -10.12 -3.91
N LYS B 55 -34.52 -9.61 -3.50
CA LYS B 55 -34.23 -8.20 -3.67
C LYS B 55 -33.49 -7.94 -4.99
N LYS B 56 -33.94 -6.90 -5.70
CA LYS B 56 -33.33 -6.55 -6.96
C LYS B 56 -32.35 -5.37 -6.83
N TYR B 57 -31.37 -5.33 -7.72
CA TYR B 57 -30.52 -4.18 -7.87
C TYR B 57 -31.22 -3.21 -8.80
N SER B 58 -30.73 -1.97 -8.84
CA SER B 58 -31.29 -0.98 -9.75
C SER B 58 -31.19 -1.45 -11.19
N TRP B 59 -30.16 -2.23 -11.52
CA TRP B 59 -30.00 -2.72 -12.90
C TRP B 59 -30.63 -4.10 -13.18
N THR B 60 -31.31 -4.69 -12.19
CA THR B 60 -31.96 -5.96 -12.44
C THR B 60 -33.17 -5.76 -13.34
N PRO B 61 -33.21 -6.44 -14.49
CA PRO B 61 -34.38 -6.34 -15.38
C PRO B 61 -35.68 -6.59 -14.64
N GLY B 62 -36.74 -5.84 -14.96
CA GLY B 62 -38.03 -6.01 -14.30
C GLY B 62 -38.64 -7.38 -14.56
N ARG B 63 -38.22 -7.98 -15.67
CA ARG B 63 -38.53 -9.36 -16.06
C ARG B 63 -38.07 -10.43 -15.05
N PHE B 64 -37.10 -10.10 -14.21
CA PHE B 64 -36.45 -11.06 -13.32
C PHE B 64 -36.97 -10.91 -11.89
N SER B 65 -37.38 -12.01 -11.26
CA SER B 65 -37.63 -11.98 -9.82
C SER B 65 -37.15 -13.22 -9.08
N GLY B 66 -36.73 -13.01 -7.83
CA GLY B 66 -36.35 -14.09 -6.95
C GLY B 66 -37.49 -14.45 -6.04
N SER B 67 -37.48 -15.68 -5.54
CA SER B 67 -38.46 -16.12 -4.57
C SER B 67 -38.05 -17.46 -4.00
N LEU B 68 -38.84 -17.96 -3.06
CA LEU B 68 -38.75 -19.36 -2.65
C LEU B 68 -39.87 -20.11 -3.32
N LEU B 69 -39.52 -21.22 -3.96
CA LEU B 69 -40.51 -22.09 -4.55
C LEU B 69 -40.28 -23.47 -3.97
N GLY B 70 -41.24 -23.98 -3.19
CA GLY B 70 -41.05 -25.24 -2.50
C GLY B 70 -39.87 -25.17 -1.53
N ALA B 71 -39.01 -26.19 -1.59
CA ALA B 71 -37.84 -26.23 -0.72
C ALA B 71 -36.61 -25.61 -1.39
N LYS B 72 -36.83 -24.73 -2.37
CA LYS B 72 -35.73 -24.20 -3.17
C LYS B 72 -35.85 -22.70 -3.40
N ALA B 73 -34.71 -22.08 -3.64
CA ALA B 73 -34.66 -20.70 -4.12
C ALA B 73 -34.94 -20.70 -5.63
N ALA B 74 -35.63 -19.67 -6.10
CA ALA B 74 -36.07 -19.66 -7.49
C ALA B 74 -35.84 -18.32 -8.15
N LEU B 75 -35.37 -18.36 -9.39
CA LEU B 75 -35.22 -17.16 -10.18
C LEU B 75 -36.19 -17.27 -11.36
N THR B 76 -37.16 -16.37 -11.40
CA THR B 76 -38.15 -16.41 -12.47
C THR B 76 -37.83 -15.35 -13.50
N ILE B 77 -37.64 -15.79 -14.75
CA ILE B 77 -37.42 -14.90 -15.86
C ILE B 77 -38.66 -14.85 -16.71
N SER B 78 -39.38 -13.74 -16.66
CA SER B 78 -40.59 -13.57 -17.46
C SER B 78 -40.24 -13.02 -18.83
N ASP B 79 -41.06 -13.33 -19.83
CA ASP B 79 -40.96 -12.71 -21.14
C ASP B 79 -39.53 -12.82 -21.66
N ALA B 80 -39.02 -14.04 -21.79
CA ALA B 80 -37.59 -14.23 -22.02
C ALA B 80 -37.12 -13.60 -23.32
N GLN B 81 -35.98 -12.93 -23.23
CA GLN B 81 -35.36 -12.27 -24.36
C GLN B 81 -34.08 -13.02 -24.73
N PRO B 82 -33.63 -12.88 -25.97
CA PRO B 82 -32.36 -13.47 -26.41
C PRO B 82 -31.18 -13.10 -25.51
N GLU B 83 -31.17 -11.88 -24.99
CA GLU B 83 -30.04 -11.44 -24.17
C GLU B 83 -30.03 -12.08 -22.78
N ASP B 84 -31.05 -12.90 -22.49
CA ASP B 84 -31.13 -13.62 -21.22
C ASP B 84 -30.40 -14.95 -21.30
N GLU B 85 -29.95 -15.31 -22.49
CA GLU B 85 -29.16 -16.53 -22.65
C GLU B 85 -27.81 -16.35 -21.96
N ALA B 86 -27.61 -17.07 -20.87
CA ALA B 86 -26.43 -16.93 -20.03
C ALA B 86 -26.38 -18.07 -19.04
N GLU B 87 -25.30 -18.17 -18.28
CA GLU B 87 -25.23 -19.08 -17.15
C GLU B 87 -25.79 -18.31 -15.94
N TYR B 88 -26.62 -18.96 -15.13
CA TYR B 88 -27.11 -18.33 -13.92
C TYR B 88 -26.60 -19.07 -12.71
N TYR B 89 -25.98 -18.33 -11.80
CA TYR B 89 -25.36 -18.92 -10.61
C TYR B 89 -26.10 -18.54 -9.37
N CYS B 90 -26.29 -19.54 -8.52
CA CYS B 90 -26.95 -19.35 -7.25
C CYS B 90 -25.93 -19.46 -6.13
N SER B 91 -26.04 -18.60 -5.13
CA SER B 91 -25.24 -18.80 -3.92
C SER B 91 -26.13 -18.80 -2.68
N LEU B 92 -25.84 -19.73 -1.77
CA LEU B 92 -26.58 -19.83 -0.52
C LEU B 92 -25.61 -19.64 0.63
N SER B 93 -26.12 -19.16 1.74
CA SER B 93 -25.24 -18.84 2.85
C SER B 93 -25.78 -19.27 4.20
N ASP B 94 -24.86 -19.47 5.14
CA ASP B 94 -25.25 -19.56 6.54
C ASP B 94 -24.12 -19.03 7.43
N VAL B 95 -24.23 -19.29 8.72
CA VAL B 95 -23.21 -18.87 9.70
C VAL B 95 -21.81 -19.44 9.41
N ASP B 96 -21.73 -20.53 8.66
CA ASP B 96 -20.43 -21.12 8.38
C ASP B 96 -19.81 -20.64 7.06
N GLY B 97 -20.54 -19.79 6.31
CA GLY B 97 -19.99 -19.21 5.10
C GLY B 97 -20.97 -19.27 3.93
N TYR B 98 -20.47 -19.15 2.71
CA TYR B 98 -21.34 -19.17 1.53
C TYR B 98 -20.83 -20.18 0.51
N LEU B 99 -21.74 -20.78 -0.25
CA LEU B 99 -21.34 -21.71 -1.29
C LEU B 99 -22.07 -21.36 -2.59
N PHE B 100 -21.44 -21.69 -3.72
CA PHE B 100 -22.06 -21.48 -5.03
C PHE B 100 -22.54 -22.78 -5.64
N GLY B 101 -23.65 -22.74 -6.39
CA GLY B 101 -24.05 -23.87 -7.20
C GLY B 101 -23.16 -23.89 -8.44
N GLY B 102 -23.25 -24.96 -9.23
CA GLY B 102 -22.47 -25.06 -10.45
C GLY B 102 -23.06 -24.31 -11.64
N GLY B 103 -24.15 -23.57 -11.42
CA GLY B 103 -24.74 -22.81 -12.50
C GLY B 103 -25.74 -23.58 -13.39
N THR B 104 -26.67 -22.82 -13.97
CA THR B 104 -27.59 -23.34 -14.95
C THR B 104 -27.39 -22.58 -16.26
N GLN B 105 -27.12 -23.32 -17.34
CA GLN B 105 -27.00 -22.75 -18.67
C GLN B 105 -28.39 -22.53 -19.25
N LEU B 106 -28.83 -21.29 -19.36
CA LEU B 106 -30.12 -20.99 -19.96
C LEU B 106 -30.00 -20.75 -21.45
N THR B 107 -30.72 -21.54 -22.23
CA THR B 107 -30.80 -21.32 -23.66
C THR B 107 -32.17 -20.76 -24.05
N VAL B 108 -32.17 -19.69 -24.83
CA VAL B 108 -33.42 -19.12 -25.31
C VAL B 108 -33.69 -19.59 -26.74
N LEU B 109 -34.83 -20.25 -26.94
CA LEU B 109 -35.13 -20.85 -28.25
C LEU B 109 -35.56 -19.82 -29.28
N GLN C 1 -19.99 -22.07 -23.70
CA GLN C 1 -21.14 -21.72 -22.87
C GLN C 1 -21.44 -22.71 -21.70
N ALA C 2 -20.43 -23.49 -21.28
CA ALA C 2 -20.68 -24.67 -20.44
C ALA C 2 -20.66 -24.50 -18.92
N VAL C 3 -21.39 -25.36 -18.21
CA VAL C 3 -21.22 -25.45 -16.78
C VAL C 3 -20.54 -26.74 -16.38
N VAL C 4 -19.93 -26.72 -15.20
CA VAL C 4 -19.28 -27.89 -14.63
C VAL C 4 -20.31 -28.64 -13.78
N THR C 5 -20.38 -29.96 -13.94
CA THR C 5 -21.40 -30.77 -13.28
C THR C 5 -20.76 -31.79 -12.33
N GLN C 6 -21.27 -31.87 -11.10
CA GLN C 6 -20.84 -32.91 -10.16
C GLN C 6 -22.07 -33.51 -9.51
N GLU C 7 -22.04 -34.81 -9.21
CA GLU C 7 -23.12 -35.39 -8.43
C GLU C 7 -23.15 -34.75 -7.03
N PRO C 8 -24.35 -34.32 -6.58
CA PRO C 8 -24.56 -33.72 -5.27
C PRO C 8 -24.08 -34.61 -4.09
N SER C 9 -24.47 -35.87 -4.09
CA SER C 9 -24.18 -36.77 -2.97
C SER C 9 -23.52 -38.05 -3.45
N VAL C 10 -22.47 -38.46 -2.76
CA VAL C 10 -21.86 -39.75 -2.96
C VAL C 10 -21.63 -40.39 -1.57
N THR C 11 -21.64 -41.72 -1.50
CA THR C 11 -21.48 -42.42 -0.23
C THR C 11 -20.48 -43.57 -0.40
N VAL C 12 -19.63 -43.75 0.60
CA VAL C 12 -18.64 -44.82 0.59
C VAL C 12 -18.53 -45.47 1.98
N SER C 13 -18.08 -46.71 2.03
CA SER C 13 -17.83 -47.37 3.31
C SER C 13 -16.37 -47.18 3.70
N PRO C 14 -16.10 -47.11 5.01
CA PRO C 14 -14.73 -47.10 5.55
C PRO C 14 -13.92 -48.23 4.93
N GLY C 15 -12.84 -47.90 4.24
CA GLY C 15 -12.02 -48.89 3.56
C GLY C 15 -12.32 -48.98 2.09
N GLY C 16 -13.48 -48.45 1.69
CA GLY C 16 -13.91 -48.54 0.31
C GLY C 16 -13.24 -47.56 -0.61
N THR C 17 -13.21 -47.90 -1.89
CA THR C 17 -12.76 -47.00 -2.93
C THR C 17 -13.98 -46.28 -3.49
N VAL C 18 -13.86 -44.97 -3.69
CA VAL C 18 -14.94 -44.23 -4.32
C VAL C 18 -14.42 -43.26 -5.36
N ILE C 19 -15.10 -43.23 -6.51
CA ILE C 19 -14.74 -42.33 -7.60
C ILE C 19 -15.69 -41.13 -7.63
N LEU C 20 -15.15 -39.93 -7.62
CA LEU C 20 -15.98 -38.73 -7.76
C LEU C 20 -15.80 -38.16 -9.17
N THR C 21 -16.89 -37.89 -9.86
CA THR C 21 -16.74 -37.45 -11.23
C THR C 21 -17.12 -36.00 -11.41
N CYS C 22 -16.56 -35.43 -12.46
CA CYS C 22 -16.80 -34.04 -12.74
C CYS C 22 -16.87 -33.89 -14.24
N GLY C 23 -17.95 -33.28 -14.70
CA GLY C 23 -18.20 -33.20 -16.13
C GLY C 23 -18.46 -31.82 -16.67
N SER C 24 -18.56 -31.76 -17.98
CA SER C 24 -18.83 -30.52 -18.66
C SER C 24 -20.16 -30.71 -19.34
N SER C 25 -21.07 -29.76 -19.16
CA SER C 25 -22.43 -29.89 -19.69
C SER C 25 -22.42 -30.01 -21.22
N THR C 26 -21.47 -29.35 -21.87
CA THR C 26 -21.37 -29.44 -23.31
C THR C 26 -19.96 -29.87 -23.70
N GLY C 27 -19.82 -31.15 -24.03
CA GLY C 27 -18.54 -31.68 -24.47
C GLY C 27 -17.89 -32.56 -23.41
N ALA C 28 -16.84 -33.26 -23.81
CA ALA C 28 -16.10 -34.10 -22.88
C ALA C 28 -15.04 -33.29 -22.13
N VAL C 29 -14.59 -33.83 -21.03
CA VAL C 29 -13.52 -33.22 -20.27
C VAL C 29 -12.22 -33.87 -20.70
N THR C 30 -11.25 -33.05 -21.10
CA THR C 30 -9.98 -33.57 -21.54
C THR C 30 -8.87 -32.99 -20.69
N SER C 31 -7.67 -33.53 -20.83
CA SER C 31 -6.52 -33.03 -20.07
C SER C 31 -6.34 -31.54 -20.34
N GLY C 32 -6.79 -31.08 -21.50
CA GLY C 32 -6.83 -29.67 -21.83
C GLY C 32 -7.74 -28.81 -20.96
N HIS C 33 -8.49 -29.42 -20.05
CA HIS C 33 -9.27 -28.62 -19.09
C HIS C 33 -8.52 -28.35 -17.79
N TYR C 34 -7.40 -29.05 -17.60
CA TYR C 34 -6.55 -28.90 -16.40
C TYR C 34 -7.33 -29.00 -15.07
N ALA C 35 -8.20 -30.00 -14.97
CA ALA C 35 -9.07 -30.14 -13.83
C ALA C 35 -8.32 -30.02 -12.50
N ASN C 36 -8.83 -29.12 -11.66
CA ASN C 36 -8.36 -29.01 -10.28
C ASN C 36 -9.44 -29.57 -9.34
N TRP C 37 -8.99 -30.25 -8.28
CA TRP C 37 -9.90 -30.70 -7.24
C TRP C 37 -9.58 -30.04 -5.90
N PHE C 38 -10.63 -29.67 -5.17
CA PHE C 38 -10.51 -29.01 -3.89
C PHE C 38 -11.35 -29.75 -2.86
N GLN C 39 -10.89 -29.68 -1.61
CA GLN C 39 -11.62 -30.28 -0.50
C GLN C 39 -12.05 -29.17 0.45
N GLN C 40 -13.32 -29.19 0.82
CA GLN C 40 -13.95 -28.14 1.62
C GLN C 40 -14.71 -28.81 2.78
N LYS C 41 -14.40 -28.39 4.00
CA LYS C 41 -15.16 -28.84 5.15
C LYS C 41 -15.90 -27.64 5.73
N PRO C 42 -17.14 -27.85 6.21
CA PRO C 42 -17.98 -26.71 6.55
C PRO C 42 -17.29 -25.83 7.58
N GLY C 43 -17.23 -24.54 7.28
CA GLY C 43 -16.55 -23.58 8.14
C GLY C 43 -15.06 -23.46 7.88
N GLN C 44 -14.48 -24.43 7.17
CA GLN C 44 -13.02 -24.47 7.09
C GLN C 44 -12.47 -23.91 5.79
N ALA C 45 -11.21 -23.49 5.82
CA ALA C 45 -10.54 -22.99 4.63
C ALA C 45 -10.46 -24.11 3.61
N PRO C 46 -10.78 -23.83 2.34
CA PRO C 46 -10.68 -24.90 1.35
C PRO C 46 -9.24 -25.28 1.08
N ARG C 47 -9.05 -26.49 0.59
CA ARG C 47 -7.76 -27.11 0.43
C ARG C 47 -7.63 -27.68 -0.99
N ALA C 48 -6.51 -27.42 -1.63
CA ALA C 48 -6.28 -27.94 -2.97
C ALA C 48 -5.69 -29.35 -2.88
N LEU C 49 -6.13 -30.23 -3.77
CA LEU C 49 -5.80 -31.65 -3.75
C LEU C 49 -5.13 -32.11 -5.04
N ILE C 50 -5.67 -31.67 -6.16
CA ILE C 50 -5.29 -32.18 -7.46
C ILE C 50 -5.27 -31.01 -8.41
N PHE C 51 -4.23 -30.97 -9.26
CA PHE C 51 -4.17 -29.96 -10.31
C PHE C 51 -3.70 -30.67 -11.57
N GLU C 52 -3.90 -30.03 -12.72
CA GLU C 52 -3.53 -30.58 -14.01
C GLU C 52 -4.04 -32.00 -14.18
N THR C 53 -5.34 -32.16 -13.93
CA THR C 53 -6.02 -33.45 -14.01
C THR C 53 -5.54 -34.50 -13.01
N ASP C 54 -4.22 -34.70 -12.86
CA ASP C 54 -3.73 -35.81 -12.04
C ASP C 54 -2.48 -35.54 -11.21
N LYS C 55 -2.08 -34.28 -11.14
CA LYS C 55 -0.89 -33.95 -10.37
C LYS C 55 -1.28 -33.73 -8.90
N LYS C 56 -0.51 -34.30 -7.98
CA LYS C 56 -0.81 -34.15 -6.55
C LYS C 56 0.08 -33.07 -5.93
N TYR C 57 -0.34 -32.60 -4.77
CA TYR C 57 0.51 -31.73 -3.95
C TYR C 57 1.24 -32.61 -2.94
N SER C 58 2.25 -32.03 -2.29
CA SER C 58 3.03 -32.76 -1.29
C SER C 58 2.13 -33.22 -0.15
N TRP C 59 1.07 -32.46 0.11
CA TRP C 59 0.11 -32.78 1.18
C TRP C 59 -1.10 -33.56 0.69
N THR C 60 -1.14 -33.94 -0.59
CA THR C 60 -2.26 -34.72 -1.08
C THR C 60 -2.09 -36.14 -0.56
N PRO C 61 -3.10 -36.64 0.15
CA PRO C 61 -3.02 -38.00 0.68
C PRO C 61 -2.80 -39.00 -0.45
N GLY C 62 -2.04 -40.05 -0.17
CA GLY C 62 -1.69 -41.02 -1.20
C GLY C 62 -2.89 -41.82 -1.66
N ARG C 63 -3.95 -41.81 -0.87
CA ARG C 63 -5.17 -42.52 -1.24
C ARG C 63 -5.96 -41.77 -2.30
N PHE C 64 -5.57 -40.53 -2.61
CA PHE C 64 -6.31 -39.67 -3.55
C PHE C 64 -5.61 -39.62 -4.89
N SER C 65 -6.34 -39.82 -5.98
CA SER C 65 -5.73 -39.63 -7.28
C SER C 65 -6.69 -39.03 -8.30
N GLY C 66 -6.16 -38.19 -9.17
CA GLY C 66 -6.93 -37.59 -10.23
C GLY C 66 -6.75 -38.39 -11.50
N SER C 67 -7.72 -38.31 -12.40
CA SER C 67 -7.62 -38.97 -13.70
C SER C 67 -8.76 -38.54 -14.61
N LEU C 68 -8.71 -39.02 -15.84
CA LEU C 68 -9.86 -38.96 -16.71
C LEU C 68 -10.57 -40.32 -16.72
N LEU C 69 -11.89 -40.29 -16.57
CA LEU C 69 -12.69 -41.50 -16.68
C LEU C 69 -13.76 -41.21 -17.72
N GLY C 70 -13.65 -41.86 -18.87
CA GLY C 70 -14.53 -41.58 -19.99
C GLY C 70 -14.50 -40.11 -20.36
N ALA C 71 -15.67 -39.47 -20.35
CA ALA C 71 -15.76 -38.05 -20.73
C ALA C 71 -15.72 -37.10 -19.52
N LYS C 72 -15.31 -37.60 -18.36
CA LYS C 72 -15.28 -36.79 -17.16
C LYS C 72 -13.93 -36.82 -16.46
N ALA C 73 -13.68 -35.81 -15.64
CA ALA C 73 -12.53 -35.84 -14.77
C ALA C 73 -12.92 -36.59 -13.49
N ALA C 74 -11.97 -37.29 -12.91
CA ALA C 74 -12.30 -38.16 -11.79
C ALA C 74 -11.32 -37.99 -10.66
N LEU C 75 -11.84 -38.05 -9.44
CA LEU C 75 -11.03 -38.04 -8.25
C LEU C 75 -11.31 -39.36 -7.53
N THR C 76 -10.32 -40.23 -7.49
CA THR C 76 -10.51 -41.53 -6.86
C THR C 76 -9.95 -41.54 -5.45
N ILE C 77 -10.79 -41.93 -4.50
CA ILE C 77 -10.39 -42.01 -3.12
C ILE C 77 -10.35 -43.46 -2.66
N SER C 78 -9.15 -43.96 -2.40
CA SER C 78 -8.95 -45.32 -1.90
C SER C 78 -9.07 -45.38 -0.40
N ASP C 79 -9.46 -46.55 0.11
CA ASP C 79 -9.40 -46.84 1.55
C ASP C 79 -9.98 -45.68 2.34
N ALA C 80 -11.23 -45.34 2.03
CA ALA C 80 -11.85 -44.14 2.55
C ALA C 80 -11.75 -44.07 4.07
N GLN C 81 -11.35 -42.90 4.55
CA GLN C 81 -11.21 -42.66 5.97
C GLN C 81 -12.37 -41.80 6.43
N PRO C 82 -12.70 -41.89 7.72
CA PRO C 82 -13.71 -41.01 8.33
C PRO C 82 -13.48 -39.53 8.06
N GLU C 83 -12.21 -39.09 8.06
CA GLU C 83 -11.86 -37.68 7.88
C GLU C 83 -11.93 -37.23 6.42
N ASP C 84 -12.28 -38.15 5.53
CA ASP C 84 -12.45 -37.87 4.12
C ASP C 84 -13.84 -37.33 3.85
N GLU C 85 -14.70 -37.35 4.87
CA GLU C 85 -16.04 -36.83 4.74
C GLU C 85 -16.01 -35.32 4.58
N ALA C 86 -16.37 -34.86 3.39
CA ALA C 86 -16.17 -33.47 3.05
C ALA C 86 -16.95 -33.16 1.78
N GLU C 87 -16.91 -31.89 1.36
CA GLU C 87 -17.39 -31.51 0.04
C GLU C 87 -16.19 -31.47 -0.90
N TYR C 88 -16.35 -32.04 -2.09
CA TYR C 88 -15.28 -32.00 -3.08
C TYR C 88 -15.70 -31.16 -4.27
N TYR C 89 -14.91 -30.14 -4.56
CA TYR C 89 -15.24 -29.27 -5.67
C TYR C 89 -14.24 -29.50 -6.77
N CYS C 90 -14.72 -29.51 -8.00
CA CYS C 90 -13.79 -29.53 -9.09
C CYS C 90 -13.92 -28.28 -9.97
N SER C 91 -12.86 -27.98 -10.69
CA SER C 91 -12.86 -26.79 -11.50
C SER C 91 -12.26 -27.18 -12.83
N LEU C 92 -12.84 -26.64 -13.91
CA LEU C 92 -12.32 -26.83 -15.25
C LEU C 92 -12.04 -25.44 -15.83
N SER C 93 -11.04 -25.34 -16.70
CA SER C 93 -10.83 -24.05 -17.33
C SER C 93 -10.53 -24.20 -18.80
N ASP C 94 -10.73 -23.12 -19.53
CA ASP C 94 -10.22 -23.05 -20.89
C ASP C 94 -9.72 -21.64 -21.16
N VAL C 95 -9.46 -21.34 -22.42
CA VAL C 95 -9.00 -20.02 -22.81
C VAL C 95 -9.92 -18.91 -22.28
N ASP C 96 -11.19 -19.21 -22.04
CA ASP C 96 -12.12 -18.17 -21.63
C ASP C 96 -12.29 -18.01 -20.12
N GLY C 97 -11.59 -18.83 -19.34
CA GLY C 97 -11.62 -18.71 -17.91
C GLY C 97 -11.82 -20.05 -17.22
N TYR C 98 -11.99 -20.02 -15.91
CA TYR C 98 -12.17 -21.23 -15.14
C TYR C 98 -13.55 -21.23 -14.50
N LEU C 99 -14.15 -22.41 -14.32
CA LEU C 99 -15.44 -22.51 -13.66
C LEU C 99 -15.43 -23.62 -12.62
N PHE C 100 -16.25 -23.48 -11.59
CA PHE C 100 -16.34 -24.51 -10.56
C PHE C 100 -17.63 -25.32 -10.69
N GLY C 101 -17.59 -26.57 -10.21
CA GLY C 101 -18.80 -27.36 -10.13
C GLY C 101 -19.49 -27.00 -8.82
N GLY C 102 -20.70 -27.49 -8.62
CA GLY C 102 -21.43 -27.21 -7.40
C GLY C 102 -20.98 -28.09 -6.25
N GLY C 103 -20.00 -28.94 -6.50
CA GLY C 103 -19.47 -29.76 -5.42
C GLY C 103 -20.20 -31.10 -5.18
N THR C 104 -19.48 -32.03 -4.56
CA THR C 104 -20.05 -33.31 -4.18
C THR C 104 -19.88 -33.54 -2.69
N GLN C 105 -21.00 -33.75 -2.01
CA GLN C 105 -21.00 -34.07 -0.58
C GLN C 105 -20.65 -35.54 -0.43
N LEU C 106 -19.44 -35.83 0.06
CA LEU C 106 -19.03 -37.21 0.30
C LEU C 106 -19.37 -37.62 1.73
N THR C 107 -20.20 -38.66 1.85
CA THR C 107 -20.55 -39.24 3.14
C THR C 107 -19.84 -40.57 3.35
N VAL C 108 -19.10 -40.68 4.45
CA VAL C 108 -18.44 -41.93 4.82
C VAL C 108 -19.30 -42.67 5.86
N LEU C 109 -19.72 -43.87 5.51
CA LEU C 109 -20.68 -44.66 6.29
C LEU C 109 -20.19 -44.99 7.69
N GLN D 1 -1.55 -13.01 11.67
CA GLN D 1 -2.26 -13.76 10.64
C GLN D 1 -1.47 -13.85 9.32
N ALA D 2 -1.59 -14.94 8.60
CA ALA D 2 -0.87 -15.08 7.33
C ALA D 2 -1.53 -14.31 6.18
N VAL D 3 -0.74 -13.50 5.47
CA VAL D 3 -1.23 -12.85 4.27
C VAL D 3 -0.29 -13.03 3.08
N VAL D 4 -0.84 -12.86 1.88
CA VAL D 4 -0.05 -12.91 0.67
C VAL D 4 0.09 -11.50 0.10
N THR D 5 1.31 -11.05 -0.14
CA THR D 5 1.50 -9.65 -0.52
C THR D 5 1.94 -9.46 -1.98
N GLN D 6 1.20 -8.62 -2.70
CA GLN D 6 1.47 -8.28 -4.10
C GLN D 6 1.60 -6.78 -4.20
N GLU D 7 2.42 -6.28 -5.13
CA GLU D 7 2.42 -4.83 -5.28
C GLU D 7 1.07 -4.39 -5.85
N PRO D 8 0.48 -3.33 -5.29
CA PRO D 8 -0.85 -2.92 -5.74
C PRO D 8 -0.83 -2.50 -7.21
N SER D 9 0.26 -1.89 -7.64
CA SER D 9 0.24 -1.26 -8.94
C SER D 9 1.63 -1.19 -9.56
N VAL D 10 1.73 -1.56 -10.83
CA VAL D 10 2.98 -1.42 -11.56
C VAL D 10 2.66 -0.97 -12.98
N THR D 11 3.59 -0.22 -13.57
CA THR D 11 3.45 0.34 -14.90
C THR D 11 4.60 -0.14 -15.78
N VAL D 12 4.28 -0.45 -17.03
CA VAL D 12 5.27 -0.91 -18.01
C VAL D 12 4.89 -0.27 -19.33
N SER D 13 5.86 -0.03 -20.20
CA SER D 13 5.53 0.45 -21.54
C SER D 13 5.37 -0.72 -22.52
N PRO D 14 4.66 -0.47 -23.64
CA PRO D 14 4.58 -1.47 -24.71
C PRO D 14 5.95 -2.00 -25.09
N GLY D 15 6.11 -3.31 -25.09
CA GLY D 15 7.38 -3.94 -25.43
C GLY D 15 8.24 -4.18 -24.22
N GLY D 16 7.93 -3.47 -23.14
CA GLY D 16 8.71 -3.60 -21.93
C GLY D 16 8.58 -4.94 -21.24
N THR D 17 9.36 -5.10 -20.17
CA THR D 17 9.35 -6.30 -19.38
C THR D 17 9.12 -5.85 -17.94
N VAL D 18 8.22 -6.51 -17.25
CA VAL D 18 7.92 -6.13 -15.88
C VAL D 18 7.77 -7.36 -15.03
N ILE D 19 8.25 -7.27 -13.81
CA ILE D 19 8.17 -8.33 -12.85
C ILE D 19 7.13 -8.03 -11.78
N LEU D 20 6.13 -8.90 -11.65
CA LEU D 20 5.26 -8.81 -10.49
C LEU D 20 5.68 -9.87 -9.47
N THR D 21 5.57 -9.52 -8.20
CA THR D 21 6.04 -10.41 -7.13
C THR D 21 4.88 -10.75 -6.23
N CYS D 22 5.11 -11.75 -5.42
CA CYS D 22 4.08 -12.30 -4.59
C CYS D 22 4.74 -12.93 -3.37
N GLY D 23 4.56 -12.31 -2.23
CA GLY D 23 5.22 -12.73 -1.03
C GLY D 23 4.26 -13.32 -0.02
N SER D 24 4.82 -14.14 0.87
CA SER D 24 4.10 -14.61 2.02
C SER D 24 4.60 -13.81 3.22
N SER D 25 3.68 -13.43 4.10
CA SER D 25 4.02 -12.63 5.27
C SER D 25 4.78 -13.40 6.35
N THR D 26 4.89 -14.72 6.21
CA THR D 26 5.42 -15.51 7.30
C THR D 26 6.71 -16.24 7.00
N GLY D 27 7.15 -16.21 5.75
CA GLY D 27 8.40 -16.84 5.41
C GLY D 27 8.70 -16.66 3.94
N ALA D 28 9.75 -17.34 3.47
CA ALA D 28 10.09 -17.30 2.07
C ALA D 28 9.13 -18.20 1.29
N VAL D 29 8.81 -17.79 0.07
CA VAL D 29 8.00 -18.60 -0.81
C VAL D 29 8.90 -19.62 -1.50
N THR D 30 8.43 -20.86 -1.60
CA THR D 30 9.16 -21.90 -2.31
C THR D 30 8.25 -22.67 -3.25
N SER D 31 8.83 -23.60 -4.00
CA SER D 31 8.05 -24.37 -4.95
C SER D 31 6.99 -25.21 -4.20
N GLY D 32 7.17 -25.36 -2.90
CA GLY D 32 6.23 -26.08 -2.07
C GLY D 32 4.95 -25.28 -1.79
N HIS D 33 4.93 -24.05 -2.27
CA HIS D 33 3.73 -23.22 -2.18
C HIS D 33 2.89 -23.30 -3.44
N TYR D 34 3.47 -23.87 -4.50
CA TYR D 34 2.75 -24.15 -5.75
C TYR D 34 2.02 -22.94 -6.28
N ALA D 35 2.69 -21.80 -6.31
CA ALA D 35 2.06 -20.53 -6.66
C ALA D 35 1.28 -20.61 -7.97
N ASN D 36 0.04 -20.15 -7.93
CA ASN D 36 -0.75 -19.96 -9.14
C ASN D 36 -0.91 -18.49 -9.48
N TRP D 37 -0.98 -18.16 -10.76
CA TRP D 37 -1.31 -16.80 -11.15
C TRP D 37 -2.55 -16.77 -12.01
N PHE D 38 -3.34 -15.72 -11.81
CA PHE D 38 -4.60 -15.53 -12.50
C PHE D 38 -4.65 -14.12 -13.04
N GLN D 39 -5.38 -13.95 -14.14
CA GLN D 39 -5.52 -12.65 -14.78
C GLN D 39 -6.98 -12.26 -14.89
N GLN D 40 -7.28 -11.03 -14.52
CA GLN D 40 -8.62 -10.53 -14.77
C GLN D 40 -8.57 -9.22 -15.53
N LYS D 41 -9.05 -9.26 -16.77
CA LYS D 41 -9.09 -8.05 -17.60
C LYS D 41 -10.39 -7.29 -17.32
N PRO D 42 -10.38 -5.97 -17.55
CA PRO D 42 -11.60 -5.16 -17.36
C PRO D 42 -12.84 -5.79 -18.03
N GLY D 43 -13.87 -6.10 -17.24
CA GLY D 43 -15.13 -6.63 -17.75
C GLY D 43 -15.14 -8.13 -18.12
N GLN D 44 -14.02 -8.80 -17.91
CA GLN D 44 -13.88 -10.19 -18.33
C GLN D 44 -13.86 -11.17 -17.15
N ALA D 45 -14.20 -12.42 -17.45
CA ALA D 45 -14.02 -13.53 -16.54
C ALA D 45 -12.53 -13.67 -16.25
N PRO D 46 -12.18 -14.12 -15.06
CA PRO D 46 -10.75 -14.33 -14.76
C PRO D 46 -10.22 -15.59 -15.44
N ARG D 47 -8.98 -15.55 -15.93
CA ARG D 47 -8.34 -16.74 -16.51
C ARG D 47 -7.21 -17.20 -15.59
N ALA D 48 -6.97 -18.51 -15.61
CA ALA D 48 -5.78 -19.09 -15.01
C ALA D 48 -4.61 -18.94 -15.98
N LEU D 49 -3.47 -18.47 -15.48
CA LEU D 49 -2.27 -18.28 -16.31
C LEU D 49 -1.08 -19.17 -15.99
N ILE D 50 -0.81 -19.39 -14.71
CA ILE D 50 0.36 -20.10 -14.26
C ILE D 50 -0.04 -20.96 -13.07
N PHE D 51 0.54 -22.15 -12.98
CA PHE D 51 0.36 -22.98 -11.79
C PHE D 51 1.68 -23.68 -11.50
N GLU D 52 1.77 -24.27 -10.31
CA GLU D 52 2.97 -24.91 -9.84
C GLU D 52 4.18 -24.02 -10.08
N THR D 53 4.08 -22.76 -9.66
CA THR D 53 5.16 -21.77 -9.80
C THR D 53 5.48 -21.32 -11.22
N ASP D 54 5.65 -22.27 -12.14
CA ASP D 54 6.15 -21.91 -13.47
C ASP D 54 5.56 -22.69 -14.64
N LYS D 55 4.50 -23.47 -14.39
CA LYS D 55 3.86 -24.18 -15.48
C LYS D 55 2.83 -23.30 -16.18
N LYS D 56 2.76 -23.39 -17.52
CA LYS D 56 1.81 -22.62 -18.30
C LYS D 56 0.72 -23.52 -18.85
N TYR D 57 -0.44 -22.93 -19.10
CA TYR D 57 -1.54 -23.60 -19.77
C TYR D 57 -1.31 -23.44 -21.24
N SER D 58 -2.02 -24.20 -22.07
CA SER D 58 -1.89 -24.08 -23.51
C SER D 58 -2.32 -22.68 -24.01
N TRP D 59 -3.11 -21.95 -23.23
CA TRP D 59 -3.55 -20.62 -23.68
C TRP D 59 -2.72 -19.49 -23.06
N THR D 60 -1.74 -19.84 -22.22
CA THR D 60 -0.86 -18.80 -21.65
C THR D 60 0.16 -18.28 -22.68
N PRO D 61 0.12 -16.98 -22.97
CA PRO D 61 1.09 -16.47 -23.94
C PRO D 61 2.54 -16.67 -23.50
N GLY D 62 3.40 -17.00 -24.44
CA GLY D 62 4.79 -17.27 -24.13
C GLY D 62 5.50 -16.14 -23.41
N ARG D 63 4.96 -14.93 -23.48
CA ARG D 63 5.59 -13.78 -22.84
C ARG D 63 5.33 -13.69 -21.31
N PHE D 64 4.55 -14.63 -20.78
CA PHE D 64 4.39 -14.75 -19.34
C PHE D 64 5.25 -15.89 -18.82
N SER D 65 6.05 -15.65 -17.78
CA SER D 65 6.72 -16.77 -17.12
C SER D 65 6.77 -16.61 -15.61
N GLY D 66 6.56 -17.73 -14.91
CA GLY D 66 6.56 -17.74 -13.46
C GLY D 66 7.88 -18.29 -12.96
N SER D 67 8.28 -17.86 -11.77
CA SER D 67 9.55 -18.31 -11.21
C SER D 67 9.58 -17.92 -9.74
N LEU D 68 10.63 -18.32 -9.04
CA LEU D 68 10.88 -17.79 -7.71
C LEU D 68 11.98 -16.75 -7.81
N LEU D 69 11.76 -15.61 -7.17
CA LEU D 69 12.74 -14.53 -7.17
C LEU D 69 12.97 -14.10 -5.75
N GLY D 70 14.16 -14.40 -5.24
CA GLY D 70 14.48 -14.12 -3.86
C GLY D 70 13.57 -14.95 -2.98
N ALA D 71 12.84 -14.28 -2.10
CA ALA D 71 11.95 -14.97 -1.18
C ALA D 71 10.49 -14.94 -1.67
N LYS D 72 10.28 -14.52 -2.90
CA LYS D 72 8.91 -14.38 -3.39
C LYS D 72 8.66 -15.18 -4.67
N ALA D 73 7.38 -15.38 -4.99
CA ALA D 73 6.99 -15.89 -6.30
C ALA D 73 6.91 -14.69 -7.24
N ALA D 74 7.19 -14.93 -8.52
CA ALA D 74 7.24 -13.85 -9.48
C ALA D 74 6.61 -14.20 -10.80
N LEU D 75 5.92 -13.22 -11.38
CA LEU D 75 5.39 -13.36 -12.71
C LEU D 75 6.06 -12.31 -13.61
N THR D 76 6.89 -12.76 -14.53
CA THR D 76 7.54 -11.83 -15.43
C THR D 76 6.74 -11.75 -16.72
N ILE D 77 6.33 -10.54 -17.09
CA ILE D 77 5.63 -10.30 -18.33
C ILE D 77 6.62 -9.55 -19.21
N SER D 78 7.04 -10.15 -20.31
CA SER D 78 7.94 -9.44 -21.20
C SER D 78 7.27 -9.12 -22.54
N ASP D 79 7.89 -8.25 -23.33
CA ASP D 79 7.27 -7.73 -24.54
C ASP D 79 5.81 -7.34 -24.28
N ALA D 80 5.58 -6.56 -23.22
CA ALA D 80 4.22 -6.26 -22.76
C ALA D 80 3.35 -5.69 -23.86
N GLN D 81 2.12 -6.18 -23.91
CA GLN D 81 1.14 -5.80 -24.94
C GLN D 81 0.01 -5.02 -24.27
N PRO D 82 -0.58 -4.06 -25.00
CA PRO D 82 -1.72 -3.31 -24.45
C PRO D 82 -2.74 -4.24 -23.77
N GLU D 83 -2.96 -5.42 -24.35
CA GLU D 83 -3.94 -6.36 -23.81
C GLU D 83 -3.49 -7.00 -22.50
N ASP D 84 -2.25 -6.72 -22.08
CA ASP D 84 -1.79 -7.31 -20.84
C ASP D 84 -2.24 -6.47 -19.66
N GLU D 85 -2.79 -5.29 -19.95
CA GLU D 85 -3.27 -4.41 -18.90
C GLU D 85 -4.40 -5.10 -18.17
N ALA D 86 -4.20 -5.37 -16.89
CA ALA D 86 -5.12 -6.22 -16.17
C ALA D 86 -4.83 -6.22 -14.68
N GLU D 87 -5.69 -6.92 -13.93
CA GLU D 87 -5.42 -7.23 -12.55
C GLU D 87 -4.81 -8.65 -12.48
N TYR D 88 -3.74 -8.81 -11.74
CA TYR D 88 -3.09 -10.13 -11.63
C TYR D 88 -3.05 -10.60 -10.20
N TYR D 89 -3.56 -11.80 -9.99
CA TYR D 89 -3.62 -12.37 -8.66
C TYR D 89 -2.70 -13.57 -8.56
N CYS D 90 -1.94 -13.61 -7.48
CA CYS D 90 -1.29 -14.86 -7.13
C CYS D 90 -1.97 -15.51 -5.93
N SER D 91 -1.89 -16.82 -5.88
CA SER D 91 -2.32 -17.56 -4.71
C SER D 91 -1.16 -18.46 -4.32
N LEU D 92 -1.02 -18.72 -3.02
CA LEU D 92 0.01 -19.60 -2.48
C LEU D 92 -0.74 -20.55 -1.60
N SER D 93 -0.22 -21.75 -1.43
CA SER D 93 -0.87 -22.64 -0.47
C SER D 93 0.09 -23.54 0.25
N ASP D 94 -0.42 -24.15 1.32
CA ASP D 94 0.32 -25.16 2.05
C ASP D 94 -0.66 -26.23 2.50
N VAL D 95 -0.30 -26.94 3.57
CA VAL D 95 -1.14 -28.03 4.04
C VAL D 95 -2.51 -27.51 4.53
N ASP D 96 -2.51 -26.31 5.09
CA ASP D 96 -3.72 -25.73 5.68
C ASP D 96 -4.64 -24.92 4.75
N GLY D 97 -4.35 -24.90 3.45
CA GLY D 97 -5.21 -24.19 2.53
C GLY D 97 -4.47 -23.20 1.66
N TYR D 98 -5.21 -22.47 0.82
CA TYR D 98 -4.57 -21.53 -0.07
C TYR D 98 -5.00 -20.11 0.31
N LEU D 99 -4.16 -19.13 -0.01
CA LEU D 99 -4.52 -17.73 0.20
C LEU D 99 -4.22 -16.95 -1.09
N PHE D 100 -5.09 -16.00 -1.42
CA PHE D 100 -4.88 -15.12 -2.57
C PHE D 100 -4.22 -13.80 -2.17
N GLY D 101 -3.37 -13.26 -3.04
CA GLY D 101 -2.84 -11.94 -2.78
C GLY D 101 -3.89 -10.89 -3.09
N GLY D 102 -3.58 -9.61 -2.82
CA GLY D 102 -4.54 -8.55 -3.02
C GLY D 102 -4.73 -8.13 -4.47
N GLY D 103 -3.86 -8.61 -5.36
CA GLY D 103 -3.92 -8.25 -6.77
C GLY D 103 -2.96 -7.13 -7.15
N THR D 104 -2.45 -7.22 -8.37
CA THR D 104 -1.57 -6.18 -8.89
C THR D 104 -2.23 -5.60 -10.11
N GLN D 105 -2.54 -4.31 -10.08
CA GLN D 105 -3.00 -3.65 -11.29
C GLN D 105 -1.81 -3.33 -12.19
N LEU D 106 -1.81 -3.87 -13.42
CA LEU D 106 -0.73 -3.59 -14.36
C LEU D 106 -1.21 -2.61 -15.40
N THR D 107 -0.61 -1.43 -15.42
CA THR D 107 -0.87 -0.47 -16.47
C THR D 107 0.19 -0.57 -17.55
N VAL D 108 -0.26 -0.60 -18.80
CA VAL D 108 0.59 -0.56 -19.98
C VAL D 108 0.26 0.74 -20.72
N LEU D 109 1.26 1.58 -21.00
CA LEU D 109 1.03 2.87 -21.65
C LEU D 109 0.28 2.78 -22.99
N GLN E 1 16.73 -4.16 1.36
CA GLN E 1 17.11 -3.05 2.21
C GLN E 1 16.06 -2.82 3.30
N ALA E 2 16.47 -2.19 4.39
CA ALA E 2 15.58 -1.97 5.52
C ALA E 2 14.68 -0.74 5.32
N VAL E 3 13.39 -0.90 5.58
CA VAL E 3 12.43 0.19 5.44
C VAL E 3 11.50 0.29 6.65
N VAL E 4 10.90 1.45 6.81
CA VAL E 4 9.99 1.68 7.91
C VAL E 4 8.58 1.83 7.34
N THR E 5 7.66 1.00 7.84
CA THR E 5 6.35 0.87 7.25
C THR E 5 5.25 1.45 8.14
N GLN E 6 4.50 2.39 7.60
CA GLN E 6 3.32 2.92 8.27
C GLN E 6 2.11 2.59 7.41
N GLU E 7 0.93 2.56 8.00
CA GLU E 7 -0.24 2.46 7.15
C GLU E 7 -0.41 3.77 6.36
N PRO E 8 -0.73 3.66 5.08
CA PRO E 8 -0.83 4.82 4.19
C PRO E 8 -1.97 5.74 4.60
N SER E 9 -3.05 5.16 5.11
CA SER E 9 -4.24 5.94 5.43
C SER E 9 -5.08 5.28 6.50
N VAL E 10 -5.66 6.11 7.36
CA VAL E 10 -6.44 5.64 8.49
C VAL E 10 -7.54 6.65 8.82
N THR E 11 -8.72 6.13 9.18
CA THR E 11 -9.92 6.96 9.41
C THR E 11 -10.47 6.77 10.83
N VAL E 12 -10.77 7.88 11.50
CA VAL E 12 -11.35 7.84 12.84
C VAL E 12 -12.52 8.82 12.88
N SER E 13 -13.49 8.62 13.77
CA SER E 13 -14.54 9.61 13.95
C SER E 13 -14.23 10.53 15.14
N PRO E 14 -14.80 11.75 15.14
CA PRO E 14 -14.58 12.69 16.25
C PRO E 14 -14.86 12.03 17.60
N GLY E 15 -13.96 12.20 18.54
CA GLY E 15 -14.10 11.57 19.85
C GLY E 15 -13.57 10.15 19.91
N GLY E 16 -13.39 9.56 18.73
CA GLY E 16 -12.85 8.21 18.64
C GLY E 16 -11.38 8.11 19.00
N THR E 17 -10.93 6.87 19.17
CA THR E 17 -9.54 6.54 19.46
C THR E 17 -9.00 5.70 18.30
N VAL E 18 -7.84 6.06 17.77
CA VAL E 18 -7.27 5.35 16.65
C VAL E 18 -5.77 5.11 16.83
N ILE E 19 -5.30 3.93 16.43
CA ILE E 19 -3.89 3.57 16.54
C ILE E 19 -3.16 3.65 15.19
N LEU E 20 -2.07 4.41 15.13
CA LEU E 20 -1.18 4.36 13.97
C LEU E 20 0.06 3.58 14.37
N THR E 21 0.53 2.73 13.46
CA THR E 21 1.61 1.80 13.76
C THR E 21 2.83 2.14 12.92
N CYS E 22 3.97 1.56 13.29
CA CYS E 22 5.23 1.85 12.63
C CYS E 22 6.15 0.66 12.79
N GLY E 23 6.38 -0.04 11.67
CA GLY E 23 7.16 -1.25 11.72
C GLY E 23 8.49 -1.16 11.00
N SER E 24 9.38 -2.10 11.33
CA SER E 24 10.65 -2.28 10.66
C SER E 24 10.55 -3.52 9.78
N SER E 25 11.12 -3.47 8.59
CA SER E 25 11.02 -4.59 7.66
C SER E 25 11.95 -5.73 8.05
N THR E 26 12.88 -5.47 8.95
CA THR E 26 13.93 -6.43 9.25
C THR E 26 13.83 -7.07 10.63
N GLY E 27 12.80 -6.70 11.38
CA GLY E 27 12.65 -7.24 12.71
C GLY E 27 11.66 -6.46 13.53
N ALA E 28 11.57 -6.80 14.82
CA ALA E 28 10.68 -6.13 15.73
C ALA E 28 11.26 -4.78 16.19
N VAL E 29 10.39 -3.79 16.27
CA VAL E 29 10.72 -2.50 16.83
C VAL E 29 10.85 -2.62 18.34
N THR E 30 11.93 -2.06 18.88
CA THR E 30 12.13 -2.06 20.33
C THR E 30 12.39 -0.65 20.83
N SER E 31 12.45 -0.50 22.14
CA SER E 31 12.72 0.80 22.73
C SER E 31 14.09 1.33 22.27
N GLY E 32 14.97 0.41 21.88
CA GLY E 32 16.29 0.75 21.36
C GLY E 32 16.28 1.34 19.95
N HIS E 33 15.09 1.45 19.36
CA HIS E 33 14.94 2.17 18.09
C HIS E 33 14.62 3.64 18.33
N TYR E 34 14.23 3.96 19.57
CA TYR E 34 13.98 5.35 19.97
C TYR E 34 12.99 6.05 19.05
N ALA E 35 11.86 5.40 18.79
CA ALA E 35 10.87 5.90 17.84
C ALA E 35 10.48 7.35 18.07
N ASN E 36 10.57 8.13 17.01
CA ASN E 36 10.07 9.49 17.03
C ASN E 36 8.80 9.57 16.18
N TRP E 37 7.88 10.44 16.57
CA TRP E 37 6.69 10.69 15.76
C TRP E 37 6.56 12.16 15.45
N PHE E 38 6.19 12.46 14.21
CA PHE E 38 6.00 13.82 13.76
C PHE E 38 4.61 14.01 13.12
N GLN E 39 4.14 15.25 13.14
CA GLN E 39 2.82 15.59 12.59
C GLN E 39 2.92 16.73 11.60
N GLN E 40 2.25 16.59 10.47
CA GLN E 40 2.22 17.67 9.49
C GLN E 40 0.79 17.98 9.07
N LYS E 41 0.22 18.99 9.72
CA LYS E 41 -1.10 19.49 9.35
C LYS E 41 -1.01 20.14 7.97
N PRO E 42 -2.12 20.10 7.22
CA PRO E 42 -2.16 20.68 5.86
C PRO E 42 -1.78 22.16 5.86
N GLY E 43 -0.86 22.52 4.97
CA GLY E 43 -0.39 23.90 4.85
C GLY E 43 0.57 24.32 5.93
N GLN E 44 0.82 23.44 6.90
CA GLN E 44 1.60 23.82 8.07
C GLN E 44 3.02 23.25 8.11
N ALA E 45 3.83 23.77 9.02
CA ALA E 45 5.17 23.22 9.24
C ALA E 45 5.04 22.01 10.15
N PRO E 46 5.82 20.96 9.91
CA PRO E 46 5.81 19.76 10.75
C PRO E 46 6.21 20.02 12.20
N ARG E 47 5.48 19.40 13.14
CA ARG E 47 5.85 19.43 14.55
C ARG E 47 6.32 18.05 14.97
N ALA E 48 7.17 18.02 16.00
CA ALA E 48 7.56 16.77 16.64
C ALA E 48 6.57 16.51 17.76
N LEU E 49 6.11 15.25 17.89
CA LEU E 49 5.10 14.89 18.89
C LEU E 49 5.62 13.95 19.98
N ILE E 50 6.43 12.98 19.58
CA ILE E 50 6.88 11.91 20.46
C ILE E 50 8.32 11.62 20.16
N PHE E 51 9.10 11.33 21.20
CA PHE E 51 10.49 10.90 21.03
C PHE E 51 10.77 9.80 22.05
N GLU E 52 11.80 9.00 21.78
CA GLU E 52 12.19 7.91 22.66
C GLU E 52 10.98 6.99 22.94
N THR E 53 10.30 6.61 21.87
CA THR E 53 9.11 5.74 21.91
C THR E 53 7.88 6.34 22.58
N ASP E 54 7.98 6.81 23.81
CA ASP E 54 6.81 7.29 24.53
C ASP E 54 6.85 8.70 25.15
N LYS E 55 7.98 9.40 25.03
CA LYS E 55 8.11 10.72 25.67
C LYS E 55 7.45 11.85 24.87
N LYS E 56 6.80 12.77 25.58
CA LYS E 56 6.10 13.88 24.95
C LYS E 56 6.84 15.21 25.13
N TYR E 57 6.54 16.17 24.24
CA TYR E 57 7.00 17.55 24.40
C TYR E 57 5.92 18.35 25.12
N SER E 58 6.26 19.57 25.54
CA SER E 58 5.31 20.41 26.26
C SER E 58 4.12 20.77 25.36
N TRP E 59 4.35 20.77 24.05
CA TRP E 59 3.29 21.09 23.11
C TRP E 59 2.56 19.86 22.58
N THR E 60 2.86 18.69 23.15
CA THR E 60 2.18 17.46 22.72
C THR E 60 0.84 17.29 23.43
N PRO E 61 -0.25 17.27 22.66
CA PRO E 61 -1.59 17.12 23.22
C PRO E 61 -1.70 15.89 24.10
N GLY E 62 -2.45 15.99 25.20
CA GLY E 62 -2.56 14.90 26.15
C GLY E 62 -3.13 13.62 25.53
N ARG E 63 -3.99 13.80 24.53
CA ARG E 63 -4.67 12.67 23.91
C ARG E 63 -3.76 11.87 22.95
N PHE E 64 -2.52 12.34 22.78
CA PHE E 64 -1.51 11.61 22.03
C PHE E 64 -0.61 10.81 22.97
N SER E 65 -0.48 9.52 22.72
CA SER E 65 0.49 8.71 23.45
C SER E 65 1.24 7.79 22.49
N GLY E 66 2.51 7.54 22.81
CA GLY E 66 3.33 6.68 21.99
C GLY E 66 3.65 5.43 22.78
N SER E 67 3.82 4.32 22.08
CA SER E 67 4.11 3.07 22.75
C SER E 67 4.70 2.02 21.82
N LEU E 68 5.06 0.88 22.39
CA LEU E 68 5.35 -0.31 21.61
C LEU E 68 4.13 -1.24 21.63
N LEU E 69 3.70 -1.66 20.45
CA LEU E 69 2.51 -2.49 20.30
C LEU E 69 2.84 -3.67 19.39
N GLY E 70 2.91 -4.86 19.96
CA GLY E 70 3.39 -6.01 19.23
C GLY E 70 4.84 -5.81 18.81
N ALA E 71 5.11 -5.98 17.52
CA ALA E 71 6.45 -5.84 17.03
C ALA E 71 6.66 -4.47 16.40
N LYS E 72 5.78 -3.52 16.74
CA LYS E 72 5.81 -2.18 16.14
C LYS E 72 5.79 -1.05 17.15
N ALA E 73 6.24 0.12 16.72
CA ALA E 73 5.98 1.35 17.47
C ALA E 73 4.58 1.82 17.11
N ALA E 74 3.95 2.56 18.01
CA ALA E 74 2.55 2.92 17.81
C ALA E 74 2.26 4.28 18.39
N LEU E 75 1.42 5.03 17.69
CA LEU E 75 0.99 6.33 18.17
C LEU E 75 -0.51 6.25 18.34
N THR E 76 -0.97 6.36 19.58
CA THR E 76 -2.39 6.25 19.85
C THR E 76 -2.99 7.63 20.02
N ILE E 77 -3.97 7.95 19.19
CA ILE E 77 -4.67 9.22 19.28
C ILE E 77 -6.06 8.95 19.82
N SER E 78 -6.31 9.35 21.06
CA SER E 78 -7.61 9.21 21.68
C SER E 78 -8.38 10.52 21.59
N ASP E 79 -9.70 10.43 21.75
CA ASP E 79 -10.58 11.60 21.69
C ASP E 79 -10.23 12.47 20.50
N ALA E 80 -10.29 11.89 19.30
CA ALA E 80 -9.79 12.54 18.10
C ALA E 80 -10.54 13.82 17.75
N GLN E 81 -9.79 14.86 17.40
CA GLN E 81 -10.37 16.16 17.09
C GLN E 81 -10.19 16.45 15.61
N PRO E 82 -11.02 17.34 15.04
CA PRO E 82 -10.90 17.67 13.62
C PRO E 82 -9.50 18.18 13.26
N GLU E 83 -8.82 18.81 14.22
CA GLU E 83 -7.51 19.39 13.97
C GLU E 83 -6.41 18.33 13.95
N ASP E 84 -6.77 17.10 14.26
CA ASP E 84 -5.81 16.00 14.22
C ASP E 84 -5.68 15.47 12.79
N GLU E 85 -6.55 15.96 11.91
CA GLU E 85 -6.50 15.64 10.50
C GLU E 85 -5.16 16.10 9.94
N ALA E 86 -4.23 15.15 9.79
CA ALA E 86 -2.87 15.48 9.43
C ALA E 86 -2.17 14.27 8.84
N GLU E 87 -0.94 14.48 8.39
CA GLU E 87 -0.07 13.39 8.00
C GLU E 87 0.83 13.10 9.20
N TYR E 88 0.98 11.83 9.56
CA TYR E 88 1.83 11.45 10.71
C TYR E 88 3.00 10.58 10.27
N TYR E 89 4.21 10.99 10.62
CA TYR E 89 5.41 10.23 10.26
C TYR E 89 6.04 9.68 11.52
N CYS E 90 6.67 8.52 11.39
CA CYS E 90 7.52 8.03 12.46
C CYS E 90 8.92 7.76 11.93
N SER E 91 9.90 7.78 12.82
CA SER E 91 11.26 7.50 12.42
C SER E 91 11.82 6.49 13.41
N LEU E 92 12.69 5.62 12.92
CA LEU E 92 13.33 4.60 13.76
C LEU E 92 14.81 4.66 13.47
N SER E 93 15.65 4.52 14.49
CA SER E 93 17.07 4.50 14.23
C SER E 93 17.82 3.44 15.00
N ASP E 94 18.99 3.11 14.46
CA ASP E 94 19.95 2.29 15.16
C ASP E 94 21.33 2.90 14.94
N VAL E 95 22.37 2.11 15.17
CA VAL E 95 23.75 2.56 15.05
C VAL E 95 24.03 3.20 13.68
N ASP E 96 23.36 2.70 12.66
CA ASP E 96 23.69 3.07 11.28
C ASP E 96 22.92 4.28 10.75
N GLY E 97 21.97 4.79 11.52
CA GLY E 97 21.24 5.97 11.11
C GLY E 97 19.77 5.84 11.39
N TYR E 98 18.99 6.81 10.90
CA TYR E 98 17.55 6.79 11.07
C TYR E 98 16.84 6.67 9.71
N LEU E 99 15.63 6.14 9.73
CA LEU E 99 14.83 6.06 8.53
C LEU E 99 13.44 6.53 8.89
N PHE E 100 12.78 7.19 7.94
CA PHE E 100 11.40 7.61 8.11
C PHE E 100 10.42 6.65 7.42
N GLY E 101 9.25 6.46 8.04
CA GLY E 101 8.15 5.82 7.36
C GLY E 101 7.58 6.75 6.30
N GLY E 102 6.74 6.19 5.42
CA GLY E 102 6.11 6.94 4.35
C GLY E 102 4.99 7.87 4.80
N GLY E 103 4.59 7.76 6.06
CA GLY E 103 3.56 8.64 6.59
C GLY E 103 2.20 7.98 6.57
N THR E 104 1.34 8.44 7.49
CA THR E 104 -0.04 7.99 7.54
C THR E 104 -0.97 9.18 7.50
N GLN E 105 -1.87 9.19 6.53
CA GLN E 105 -2.89 10.23 6.48
C GLN E 105 -4.00 9.88 7.48
N LEU E 106 -4.22 10.76 8.44
CA LEU E 106 -5.31 10.59 9.38
C LEU E 106 -6.49 11.43 8.93
N THR E 107 -7.62 10.77 8.68
CA THR E 107 -8.88 11.43 8.34
C THR E 107 -9.81 11.42 9.57
N VAL E 108 -10.42 12.57 9.88
CA VAL E 108 -11.38 12.67 10.97
C VAL E 108 -12.67 13.26 10.40
N LEU E 109 -13.82 12.67 10.71
CA LEU E 109 -15.11 13.20 10.22
C LEU E 109 -15.55 14.54 10.87
N GLN F 1 9.22 33.41 14.51
CA GLN F 1 10.28 33.88 13.62
C GLN F 1 11.65 33.76 14.30
N ALA F 2 12.50 32.87 13.77
CA ALA F 2 13.83 32.61 14.31
C ALA F 2 14.58 31.60 13.43
N VAL F 3 15.90 31.64 13.47
CA VAL F 3 16.72 30.62 12.82
C VAL F 3 17.74 30.01 13.79
N VAL F 4 18.21 28.81 13.48
CA VAL F 4 19.20 28.14 14.32
C VAL F 4 20.59 28.48 13.84
N THR F 5 21.49 28.83 14.77
CA THR F 5 22.82 29.28 14.41
C THR F 5 23.95 28.31 14.80
N GLN F 6 24.86 28.08 13.86
CA GLN F 6 26.04 27.24 14.11
C GLN F 6 27.27 27.82 13.45
N GLU F 7 28.38 27.86 14.18
CA GLU F 7 29.66 28.25 13.62
C GLU F 7 29.95 27.28 12.50
N PRO F 8 30.20 27.79 11.28
CA PRO F 8 30.34 26.94 10.10
C PRO F 8 31.53 25.99 10.16
N SER F 9 32.66 26.44 10.71
CA SER F 9 33.78 25.53 10.90
C SER F 9 34.44 25.73 12.26
N VAL F 10 34.89 24.62 12.83
CA VAL F 10 35.51 24.58 14.14
C VAL F 10 36.62 23.53 14.12
N THR F 11 37.67 23.78 14.88
CA THR F 11 38.87 22.97 14.87
C THR F 11 39.15 22.43 16.27
N VAL F 12 39.56 21.17 16.33
CA VAL F 12 39.98 20.56 17.59
C VAL F 12 41.24 19.74 17.35
N SER F 13 42.12 19.72 18.34
CA SER F 13 43.32 18.92 18.27
C SER F 13 42.97 17.56 18.85
N PRO F 14 43.63 16.48 18.35
CA PRO F 14 43.40 15.13 18.88
C PRO F 14 43.56 15.10 20.38
N GLY F 15 42.66 14.40 21.07
CA GLY F 15 42.72 14.29 22.52
C GLY F 15 42.03 15.45 23.20
N GLY F 16 41.78 16.50 22.42
CA GLY F 16 41.24 17.73 22.94
C GLY F 16 39.74 17.72 23.14
N THR F 17 39.28 18.65 23.96
CA THR F 17 37.86 18.90 24.16
C THR F 17 37.46 20.12 23.32
N VAL F 18 36.38 19.98 22.56
CA VAL F 18 35.83 21.08 21.79
C VAL F 18 34.34 21.23 22.10
N ILE F 19 33.87 22.46 22.18
CA ILE F 19 32.46 22.71 22.42
C ILE F 19 31.76 23.32 21.22
N LEU F 20 30.99 22.50 20.49
CA LEU F 20 30.16 22.99 19.39
C LEU F 20 28.88 23.53 19.98
N THR F 21 28.42 24.68 19.49
CA THR F 21 27.28 25.33 20.10
C THR F 21 26.21 25.63 19.06
N CYS F 22 25.07 26.11 19.53
CA CYS F 22 23.96 26.43 18.64
C CYS F 22 22.88 27.23 19.35
N GLY F 23 22.41 28.29 18.70
CA GLY F 23 21.49 29.20 19.34
C GLY F 23 20.29 29.60 18.51
N SER F 24 19.38 30.34 19.13
CA SER F 24 18.21 30.88 18.45
C SER F 24 18.46 32.36 18.19
N SER F 25 18.43 32.73 16.92
CA SER F 25 18.72 34.10 16.48
C SER F 25 17.97 35.15 17.30
N THR F 26 16.79 34.79 17.80
CA THR F 26 16.01 35.69 18.63
C THR F 26 16.43 35.65 20.10
N GLY F 27 16.20 34.52 20.75
CA GLY F 27 16.40 34.41 22.18
C GLY F 27 17.40 33.37 22.63
N ALA F 28 17.34 33.05 23.91
CA ALA F 28 18.18 32.01 24.46
C ALA F 28 17.61 30.63 24.15
N VAL F 29 18.50 29.64 24.15
CA VAL F 29 18.11 28.25 24.01
C VAL F 29 17.79 27.73 25.40
N THR F 30 16.58 27.20 25.58
CA THR F 30 16.18 26.59 26.84
C THR F 30 15.96 25.10 26.64
N SER F 31 15.92 24.34 27.72
CA SER F 31 15.69 22.90 27.59
C SER F 31 14.29 22.64 27.02
N GLY F 32 13.46 23.67 27.03
CA GLY F 32 12.16 23.63 26.38
C GLY F 32 12.22 23.74 24.87
N HIS F 33 13.44 23.79 24.33
CA HIS F 33 13.67 23.73 22.88
C HIS F 33 14.04 22.32 22.43
N TYR F 34 14.29 21.45 23.42
CA TYR F 34 14.62 20.04 23.18
C TYR F 34 15.69 19.84 22.09
N ALA F 35 16.89 20.33 22.35
CA ALA F 35 17.92 20.32 21.32
C ALA F 35 18.28 18.91 20.90
N ASN F 36 18.27 18.68 19.60
CA ASN F 36 18.78 17.45 19.02
C ASN F 36 20.11 17.69 18.29
N TRP F 37 21.05 16.76 18.41
CA TRP F 37 22.29 16.85 17.67
C TRP F 37 22.46 15.65 16.72
N PHE F 38 23.03 15.89 15.56
CA PHE F 38 23.20 14.85 14.54
C PHE F 38 24.61 14.87 13.95
N GLN F 39 25.20 13.69 13.74
CA GLN F 39 26.49 13.61 13.07
C GLN F 39 26.33 13.18 11.63
N GLN F 40 27.14 13.75 10.76
CA GLN F 40 27.03 13.48 9.35
C GLN F 40 28.41 13.54 8.72
N LYS F 41 28.81 12.45 8.08
CA LYS F 41 30.02 12.45 7.30
C LYS F 41 29.59 12.55 5.82
N PRO F 42 30.42 13.17 4.98
CA PRO F 42 30.04 13.41 3.58
C PRO F 42 29.63 12.13 2.84
N GLY F 43 28.48 12.20 2.16
CA GLY F 43 27.98 11.09 1.38
C GLY F 43 27.26 10.04 2.19
N GLN F 44 27.41 10.13 3.51
CA GLN F 44 26.86 9.11 4.40
C GLN F 44 25.53 9.50 5.02
N ALA F 45 24.81 8.52 5.56
CA ALA F 45 23.57 8.76 6.26
C ALA F 45 23.84 9.39 7.62
N PRO F 46 23.09 10.45 7.96
CA PRO F 46 23.29 11.12 9.23
C PRO F 46 22.89 10.20 10.38
N ARG F 47 23.49 10.42 11.53
CA ARG F 47 23.20 9.62 12.72
C ARG F 47 22.70 10.55 13.82
N ALA F 48 21.77 10.05 14.62
CA ALA F 48 21.28 10.78 15.76
C ALA F 48 22.27 10.61 16.92
N LEU F 49 22.54 11.69 17.65
CA LEU F 49 23.53 11.65 18.72
C LEU F 49 22.98 12.04 20.07
N ILE F 50 22.22 13.13 20.08
CA ILE F 50 21.72 13.70 21.32
C ILE F 50 20.31 14.16 21.07
N PHE F 51 19.41 13.88 22.01
CA PHE F 51 18.05 14.41 21.96
C PHE F 51 17.75 15.01 23.32
N GLU F 52 16.72 15.87 23.38
CA GLU F 52 16.26 16.47 24.63
C GLU F 52 17.39 17.17 25.41
N THR F 53 18.16 17.97 24.68
CA THR F 53 19.35 18.66 25.21
C THR F 53 20.51 17.73 25.61
N ASP F 54 20.28 16.78 26.51
CA ASP F 54 21.41 16.04 27.08
C ASP F 54 21.30 14.51 27.11
N LYS F 55 20.30 13.96 26.42
CA LYS F 55 20.11 12.52 26.45
C LYS F 55 20.85 11.81 25.31
N LYS F 56 21.47 10.68 25.64
CA LYS F 56 22.27 9.92 24.68
C LYS F 56 21.53 8.68 24.20
N TYR F 57 21.90 8.20 23.02
CA TYR F 57 21.46 6.88 22.56
C TYR F 57 22.51 5.87 22.96
N SER F 58 22.14 4.60 22.91
CA SER F 58 23.04 3.51 23.25
C SER F 58 24.29 3.54 22.38
N TRP F 59 24.17 4.09 21.17
CA TRP F 59 25.31 4.15 20.25
C TRP F 59 26.07 5.48 20.31
N THR F 60 25.65 6.39 21.19
CA THR F 60 26.37 7.65 21.36
C THR F 60 27.67 7.37 22.11
N PRO F 61 28.80 7.82 21.56
CA PRO F 61 30.08 7.65 22.26
C PRO F 61 30.04 8.29 23.65
N GLY F 62 30.73 7.68 24.60
CA GLY F 62 30.85 8.27 25.92
C GLY F 62 31.53 9.63 25.86
N ARG F 63 32.43 9.81 24.88
CA ARG F 63 33.15 11.08 24.69
C ARG F 63 32.21 12.27 24.51
N PHE F 64 31.01 11.99 23.99
CA PHE F 64 30.06 13.03 23.58
C PHE F 64 29.09 13.36 24.70
N SER F 65 28.68 14.63 24.77
CA SER F 65 27.69 15.03 25.76
C SER F 65 26.99 16.33 25.37
N GLY F 66 25.71 16.43 25.73
CA GLY F 66 24.91 17.59 25.43
C GLY F 66 24.60 18.39 26.68
N SER F 67 24.35 19.68 26.50
CA SER F 67 24.12 20.58 27.62
C SER F 67 23.64 21.96 27.20
N LEU F 68 23.28 22.77 28.19
CA LEU F 68 22.96 24.16 27.97
C LEU F 68 24.08 25.05 28.51
N LEU F 69 24.99 25.43 27.62
CA LEU F 69 26.10 26.33 27.97
C LEU F 69 25.74 27.77 27.60
N GLY F 70 25.59 28.61 28.62
CA GLY F 70 25.12 29.97 28.40
C GLY F 70 23.76 29.98 27.70
N ALA F 71 23.59 30.91 26.77
CA ALA F 71 22.31 31.08 26.09
C ALA F 71 22.12 30.09 24.93
N LYS F 72 22.96 29.06 24.89
CA LYS F 72 22.98 28.16 23.74
C LYS F 72 22.92 26.68 24.14
N ALA F 73 22.52 25.83 23.20
CA ALA F 73 22.68 24.39 23.38
C ALA F 73 24.10 24.02 22.98
N ALA F 74 24.70 23.05 23.66
CA ALA F 74 26.08 22.72 23.36
C ALA F 74 26.36 21.23 23.30
N LEU F 75 27.23 20.86 22.37
CA LEU F 75 27.68 19.49 22.25
C LEU F 75 29.17 19.45 22.49
N THR F 76 29.57 18.81 23.57
CA THR F 76 30.97 18.71 23.96
C THR F 76 31.57 17.38 23.52
N ILE F 77 32.67 17.43 22.77
CA ILE F 77 33.38 16.24 22.37
C ILE F 77 34.73 16.19 23.08
N SER F 78 34.87 15.29 24.06
CA SER F 78 36.11 15.11 24.81
C SER F 78 37.01 14.08 24.13
N ASP F 79 38.31 14.15 24.41
CA ASP F 79 39.29 13.21 23.85
C ASP F 79 39.02 12.96 22.37
N ALA F 80 39.01 14.03 21.60
CA ALA F 80 38.60 14.01 20.20
C ALA F 80 39.36 12.94 19.40
N GLN F 81 38.61 12.16 18.63
CA GLN F 81 39.19 11.10 17.83
C GLN F 81 39.12 11.48 16.35
N PRO F 82 39.97 10.85 15.53
CA PRO F 82 39.97 11.13 14.09
C PRO F 82 38.64 10.83 13.40
N GLU F 83 37.85 9.91 13.93
CA GLU F 83 36.57 9.61 13.30
C GLU F 83 35.46 10.56 13.76
N ASP F 84 35.80 11.49 14.65
CA ASP F 84 34.90 12.57 15.04
C ASP F 84 34.89 13.70 13.99
N GLU F 85 35.80 13.59 13.01
CA GLU F 85 35.83 14.53 11.91
C GLU F 85 34.59 14.31 11.08
N ALA F 86 33.70 15.30 11.10
CA ALA F 86 32.38 15.20 10.48
C ALA F 86 31.66 16.52 10.59
N GLU F 87 30.47 16.63 10.02
CA GLU F 87 29.61 17.79 10.25
C GLU F 87 28.58 17.47 11.32
N TYR F 88 28.29 18.46 12.15
CA TYR F 88 27.33 18.29 13.22
C TYR F 88 26.21 19.28 13.07
N TYR F 89 25.00 18.78 13.02
CA TYR F 89 23.82 19.59 12.88
C TYR F 89 23.06 19.57 14.17
N CYS F 90 22.56 20.72 14.58
CA CYS F 90 21.65 20.69 15.70
C CYS F 90 20.28 21.10 15.24
N SER F 91 19.27 20.68 15.97
CA SER F 91 17.90 21.08 15.67
C SER F 91 17.23 21.59 16.96
N LEU F 92 16.38 22.59 16.80
CA LEU F 92 15.68 23.17 17.92
C LEU F 92 14.22 23.25 17.57
N SER F 93 13.35 23.18 18.58
CA SER F 93 11.92 23.27 18.30
C SER F 93 11.15 24.06 19.34
N ASP F 94 10.00 24.58 18.90
CA ASP F 94 8.99 25.13 19.78
C ASP F 94 7.63 24.61 19.30
N VAL F 95 6.57 25.30 19.68
CA VAL F 95 5.21 24.90 19.33
C VAL F 95 4.91 25.14 17.83
N ASP F 96 5.81 25.82 17.15
CA ASP F 96 5.61 26.15 15.74
C ASP F 96 6.29 25.16 14.81
N GLY F 97 7.07 24.25 15.39
CA GLY F 97 7.77 23.26 14.59
C GLY F 97 9.21 23.09 15.05
N TYR F 98 10.01 22.47 14.19
CA TYR F 98 11.42 22.25 14.49
C TYR F 98 12.26 22.82 13.36
N LEU F 99 13.44 23.33 13.69
CA LEU F 99 14.32 23.90 12.68
C LEU F 99 15.75 23.40 12.79
N PHE F 100 16.45 23.37 11.65
CA PHE F 100 17.83 22.89 11.66
C PHE F 100 18.85 24.03 11.51
N GLY F 101 20.00 23.84 12.12
CA GLY F 101 21.12 24.73 11.88
C GLY F 101 21.73 24.37 10.54
N GLY F 102 22.64 25.22 10.07
CA GLY F 102 23.34 24.96 8.82
C GLY F 102 24.48 23.98 8.99
N GLY F 103 24.83 23.68 10.24
CA GLY F 103 25.88 22.72 10.51
C GLY F 103 27.24 23.32 10.87
N THR F 104 28.04 22.51 11.56
CA THR F 104 29.42 22.86 11.85
C THR F 104 30.33 21.77 11.33
N GLN F 105 31.26 22.13 10.45
CA GLN F 105 32.26 21.17 10.01
C GLN F 105 33.37 21.13 11.05
N LEU F 106 33.63 19.94 11.59
CA LEU F 106 34.66 19.78 12.60
C LEU F 106 35.88 19.10 12.00
N THR F 107 37.03 19.77 12.07
CA THR F 107 38.25 19.20 11.55
C THR F 107 39.12 18.73 12.71
N VAL F 108 39.62 17.51 12.62
CA VAL F 108 40.52 16.98 13.64
C VAL F 108 41.94 16.99 13.09
N LEU F 109 42.76 17.89 13.63
CA LEU F 109 44.09 18.17 13.12
C LEU F 109 45.02 16.95 13.18
N GLN G 1 32.48 17.68 1.88
CA GLN G 1 32.85 17.79 3.30
C GLN G 1 32.53 19.18 3.88
N ALA G 2 31.71 19.95 3.17
CA ALA G 2 31.41 21.33 3.54
C ALA G 2 30.00 21.53 4.08
N VAL G 3 29.74 22.74 4.58
CA VAL G 3 28.40 23.11 5.03
C VAL G 3 27.90 24.36 4.28
N VAL G 4 26.60 24.60 4.36
CA VAL G 4 25.99 25.77 3.73
C VAL G 4 25.92 26.95 4.70
N THR G 5 26.43 28.10 4.29
CA THR G 5 26.44 29.27 5.17
C THR G 5 25.40 30.33 4.76
N GLN G 6 24.68 30.85 5.73
CA GLN G 6 23.75 31.97 5.50
C GLN G 6 23.81 32.92 6.69
N GLU G 7 23.73 34.22 6.45
CA GLU G 7 23.64 35.19 7.53
C GLU G 7 22.27 35.06 8.19
N PRO G 8 22.23 34.98 9.52
CA PRO G 8 20.96 34.68 10.20
C PRO G 8 19.92 35.80 10.11
N SER G 9 20.37 37.04 10.03
CA SER G 9 19.46 38.18 9.91
C SER G 9 19.91 39.23 8.91
N VAL G 10 18.95 39.67 8.11
CA VAL G 10 19.17 40.69 7.10
C VAL G 10 17.91 41.57 7.13
N THR G 11 18.10 42.88 6.98
CA THR G 11 17.03 43.85 7.20
C THR G 11 16.88 44.74 5.97
N VAL G 12 15.64 45.01 5.56
CA VAL G 12 15.39 45.88 4.42
C VAL G 12 14.22 46.84 4.67
N SER G 13 14.26 48.00 4.01
CA SER G 13 13.14 48.93 4.00
C SER G 13 12.12 48.49 2.95
N PRO G 14 10.85 48.88 3.14
CA PRO G 14 9.87 48.68 2.08
C PRO G 14 10.32 49.36 0.78
N GLY G 15 10.19 48.67 -0.35
CA GLY G 15 10.58 49.24 -1.63
C GLY G 15 12.05 49.03 -1.90
N GLY G 16 12.77 48.68 -0.84
CA GLY G 16 14.20 48.45 -0.93
C GLY G 16 14.49 47.18 -1.69
N THR G 17 15.72 47.07 -2.17
CA THR G 17 16.17 45.90 -2.89
C THR G 17 17.21 45.17 -2.05
N VAL G 18 16.87 43.96 -1.60
CA VAL G 18 17.72 43.23 -0.67
C VAL G 18 18.30 41.94 -1.26
N ILE G 19 19.56 41.69 -0.96
CA ILE G 19 20.29 40.56 -1.51
C ILE G 19 20.66 39.56 -0.43
N LEU G 20 20.17 38.33 -0.56
CA LEU G 20 20.50 37.28 0.40
C LEU G 20 21.50 36.33 -0.23
N THR G 21 22.62 36.12 0.46
CA THR G 21 23.67 35.30 -0.10
C THR G 21 23.76 33.98 0.64
N CYS G 22 24.44 33.04 0.00
CA CYS G 22 24.50 31.67 0.46
C CYS G 22 25.84 31.10 -0.04
N GLY G 23 26.63 30.54 0.87
CA GLY G 23 27.95 30.08 0.49
C GLY G 23 28.31 28.69 0.94
N SER G 24 29.47 28.22 0.49
CA SER G 24 30.02 26.95 0.93
C SER G 24 31.23 27.23 1.81
N SER G 25 31.32 26.51 2.92
CA SER G 25 32.37 26.74 3.89
C SER G 25 33.75 26.36 3.36
N THR G 26 33.78 25.58 2.29
CA THR G 26 35.03 25.13 1.68
C THR G 26 35.01 25.30 0.17
N GLY G 27 34.81 26.53 -0.30
CA GLY G 27 34.84 26.76 -1.74
C GLY G 27 33.79 27.68 -2.31
N ALA G 28 34.05 28.10 -3.54
CA ALA G 28 33.11 28.94 -4.26
C ALA G 28 31.89 28.13 -4.67
N VAL G 29 30.73 28.76 -4.63
CA VAL G 29 29.52 28.15 -5.13
C VAL G 29 29.43 28.41 -6.64
N THR G 30 29.16 27.35 -7.41
CA THR G 30 29.03 27.50 -8.86
C THR G 30 27.65 27.06 -9.32
N SER G 31 27.33 27.31 -10.59
CA SER G 31 26.03 26.91 -11.12
C SER G 31 25.82 25.38 -11.06
N GLY G 32 26.93 24.66 -10.86
CA GLY G 32 26.90 23.22 -10.68
C GLY G 32 26.59 22.77 -9.26
N HIS G 33 26.27 23.73 -8.39
CA HIS G 33 25.76 23.43 -7.06
C HIS G 33 24.23 23.51 -7.05
N TYR G 34 23.69 23.96 -8.18
CA TYR G 34 22.24 23.99 -8.41
C TYR G 34 21.43 24.59 -7.27
N ALA G 35 21.85 25.77 -6.81
CA ALA G 35 21.24 26.41 -5.66
C ALA G 35 19.73 26.43 -5.71
N ASN G 36 19.10 25.90 -4.66
CA ASN G 36 17.66 26.06 -4.48
C ASN G 36 17.39 27.03 -3.32
N TRP G 37 16.34 27.82 -3.45
CA TRP G 37 15.92 28.71 -2.39
C TRP G 37 14.48 28.40 -1.99
N PHE G 38 14.21 28.48 -0.70
CA PHE G 38 12.90 28.20 -0.14
C PHE G 38 12.49 29.33 0.78
N GLN G 39 11.19 29.59 0.88
CA GLN G 39 10.68 30.61 1.78
C GLN G 39 9.85 29.93 2.86
N GLN G 40 10.02 30.37 4.09
CA GLN G 40 9.33 29.75 5.19
C GLN G 40 8.89 30.78 6.21
N LYS G 41 7.59 31.08 6.22
CA LYS G 41 7.03 31.93 7.27
C LYS G 41 6.76 31.03 8.47
N PRO G 42 6.88 31.58 9.68
CA PRO G 42 6.89 30.75 10.91
C PRO G 42 5.60 29.95 11.13
N GLY G 43 5.76 28.65 11.36
CA GLY G 43 4.62 27.77 11.60
C GLY G 43 3.98 27.27 10.33
N GLN G 44 4.40 27.79 9.19
CA GLN G 44 3.79 27.41 7.92
C GLN G 44 4.68 26.48 7.10
N ALA G 45 4.07 25.80 6.13
CA ALA G 45 4.81 24.96 5.20
C ALA G 45 5.68 25.82 4.29
N PRO G 46 6.92 25.36 4.06
CA PRO G 46 7.85 26.10 3.19
C PRO G 46 7.39 26.07 1.74
N ARG G 47 7.78 27.11 0.98
CA ARG G 47 7.50 27.18 -0.44
C ARG G 47 8.82 27.21 -1.20
N ALA G 48 8.86 26.53 -2.34
CA ALA G 48 10.04 26.60 -3.22
C ALA G 48 9.96 27.88 -4.05
N LEU G 49 11.09 28.59 -4.17
CA LEU G 49 11.14 29.88 -4.85
C LEU G 49 12.01 29.86 -6.10
N ILE G 50 13.15 29.20 -5.99
CA ILE G 50 14.18 29.22 -7.01
C ILE G 50 14.85 27.86 -7.07
N PHE G 51 15.11 27.37 -8.27
CA PHE G 51 15.91 26.16 -8.45
C PHE G 51 16.96 26.43 -9.52
N GLU G 52 17.97 25.58 -9.57
CA GLU G 52 19.03 25.66 -10.58
C GLU G 52 19.64 27.06 -10.67
N THR G 53 19.93 27.62 -9.50
CA THR G 53 20.49 28.96 -9.34
C THR G 53 19.57 30.13 -9.72
N ASP G 54 19.01 30.13 -10.92
CA ASP G 54 18.30 31.32 -11.39
C ASP G 54 16.90 31.06 -11.93
N LYS G 55 16.43 29.83 -11.80
CA LYS G 55 15.15 29.47 -12.39
C LYS G 55 14.01 29.75 -11.43
N LYS G 56 12.93 30.31 -11.97
CA LYS G 56 11.74 30.60 -11.19
C LYS G 56 10.65 29.57 -11.45
N TYR G 57 9.76 29.40 -10.48
CA TYR G 57 8.54 28.64 -10.72
C TYR G 57 7.49 29.64 -11.16
N SER G 58 6.32 29.12 -11.51
CA SER G 58 5.22 29.95 -11.99
C SER G 58 4.69 30.83 -10.86
N TRP G 59 4.87 30.37 -9.62
CA TRP G 59 4.37 31.13 -8.47
C TRP G 59 5.43 32.03 -7.87
N THR G 60 6.63 32.01 -8.44
CA THR G 60 7.71 32.85 -7.89
C THR G 60 7.47 34.30 -8.30
N PRO G 61 7.37 35.18 -7.30
CA PRO G 61 7.13 36.62 -7.55
C PRO G 61 8.17 37.21 -8.48
N GLY G 62 7.77 38.15 -9.32
CA GLY G 62 8.69 38.78 -10.24
C GLY G 62 9.78 39.56 -9.51
N ARG G 63 9.49 39.94 -8.27
CA ARG G 63 10.44 40.71 -7.46
C ARG G 63 11.68 39.90 -7.17
N PHE G 64 11.50 38.59 -7.00
CA PHE G 64 12.57 37.70 -6.57
C PHE G 64 13.35 37.23 -7.79
N SER G 65 14.64 36.95 -7.60
CA SER G 65 15.42 36.31 -8.66
C SER G 65 16.73 35.74 -8.13
N GLY G 66 17.18 34.67 -8.79
CA GLY G 66 18.40 33.98 -8.41
C GLY G 66 19.61 34.33 -9.27
N SER G 67 20.76 34.42 -8.63
CA SER G 67 21.99 34.73 -9.34
C SER G 67 23.21 34.14 -8.63
N LEU G 68 24.37 34.27 -9.26
CA LEU G 68 25.63 33.97 -8.60
C LEU G 68 26.31 35.30 -8.33
N LEU G 69 26.64 35.54 -7.07
CA LEU G 69 27.31 36.78 -6.70
C LEU G 69 28.62 36.48 -6.00
N GLY G 70 29.72 36.66 -6.73
CA GLY G 70 31.03 36.31 -6.19
C GLY G 70 31.09 34.82 -6.00
N ALA G 71 31.68 34.39 -4.90
CA ALA G 71 31.77 32.95 -4.58
C ALA G 71 30.48 32.38 -3.94
N LYS G 72 29.38 33.13 -4.04
CA LYS G 72 28.16 32.79 -3.32
C LYS G 72 26.93 32.83 -4.22
N ALA G 73 25.95 31.97 -3.92
CA ALA G 73 24.64 32.05 -4.57
C ALA G 73 23.82 33.16 -3.91
N ALA G 74 22.97 33.82 -4.69
CA ALA G 74 22.28 35.02 -4.20
C ALA G 74 20.82 35.07 -4.61
N LEU G 75 19.99 35.52 -3.68
CA LEU G 75 18.57 35.71 -3.93
C LEU G 75 18.28 37.19 -3.80
N THR G 76 17.84 37.82 -4.88
CA THR G 76 17.58 39.25 -4.84
C THR G 76 16.10 39.53 -4.72
N ILE G 77 15.70 40.28 -3.70
CA ILE G 77 14.32 40.69 -3.56
C ILE G 77 14.20 42.19 -3.80
N SER G 78 13.45 42.57 -4.83
CA SER G 78 13.28 43.98 -5.21
C SER G 78 11.91 44.49 -4.79
N ASP G 79 11.82 45.79 -4.57
CA ASP G 79 10.59 46.43 -4.11
C ASP G 79 9.99 45.63 -2.96
N ALA G 80 10.77 45.53 -1.88
CA ALA G 80 10.44 44.65 -0.78
C ALA G 80 9.09 44.96 -0.14
N GLN G 81 8.30 43.92 0.05
CA GLN G 81 6.97 44.04 0.64
C GLN G 81 6.96 43.51 2.07
N PRO G 82 6.00 43.96 2.89
CA PRO G 82 5.91 43.47 4.26
C PRO G 82 5.70 41.96 4.34
N GLU G 83 5.04 41.36 3.36
CA GLU G 83 4.81 39.92 3.42
C GLU G 83 6.06 39.14 3.00
N ASP G 84 7.10 39.84 2.60
CA ASP G 84 8.37 39.20 2.28
C ASP G 84 9.12 38.86 3.55
N GLU G 85 8.64 39.38 4.67
CA GLU G 85 9.22 39.05 5.96
C GLU G 85 9.03 37.57 6.22
N ALA G 86 10.14 36.84 6.24
CA ALA G 86 10.11 35.38 6.39
C ALA G 86 11.51 34.84 6.57
N GLU G 87 11.62 33.53 6.75
CA GLU G 87 12.90 32.86 6.79
C GLU G 87 13.22 32.37 5.38
N TYR G 88 14.45 32.60 4.93
CA TYR G 88 14.81 32.11 3.61
C TYR G 88 15.93 31.09 3.70
N TYR G 89 15.66 29.93 3.13
CA TYR G 89 16.59 28.82 3.21
C TYR G 89 17.20 28.54 1.86
N CYS G 90 18.47 28.20 1.87
CA CYS G 90 19.20 27.93 0.66
C CYS G 90 19.67 26.48 0.70
N SER G 91 19.60 25.80 -0.44
CA SER G 91 20.17 24.47 -0.53
C SER G 91 21.19 24.39 -1.66
N LEU G 92 22.27 23.65 -1.41
CA LEU G 92 23.31 23.44 -2.40
C LEU G 92 23.55 21.94 -2.48
N SER G 93 24.00 21.47 -3.65
CA SER G 93 24.29 20.06 -3.78
C SER G 93 25.52 19.77 -4.63
N ASP G 94 26.11 18.61 -4.37
CA ASP G 94 27.15 18.07 -5.23
C ASP G 94 26.88 16.57 -5.38
N VAL G 95 27.86 15.85 -5.89
CA VAL G 95 27.75 14.42 -6.13
C VAL G 95 27.48 13.62 -4.84
N ASP G 96 27.77 14.23 -3.69
CA ASP G 96 27.63 13.53 -2.41
C ASP G 96 26.29 13.76 -1.72
N GLY G 97 25.49 14.67 -2.28
CA GLY G 97 24.16 14.92 -1.73
C GLY G 97 23.77 16.38 -1.80
N TYR G 98 22.75 16.75 -1.02
CA TYR G 98 22.33 18.13 -0.88
C TYR G 98 22.35 18.50 0.58
N LEU G 99 22.66 19.75 0.89
CA LEU G 99 22.64 20.24 2.26
C LEU G 99 21.87 21.55 2.33
N PHE G 100 21.29 21.86 3.49
CA PHE G 100 20.60 23.13 3.70
C PHE G 100 21.39 24.07 4.61
N GLY G 101 21.25 25.37 4.36
CA GLY G 101 21.78 26.37 5.26
C GLY G 101 20.85 26.53 6.46
N GLY G 102 21.29 27.32 7.44
CA GLY G 102 20.51 27.54 8.64
C GLY G 102 19.42 28.58 8.42
N GLY G 103 19.36 29.12 7.21
CA GLY G 103 18.34 30.10 6.88
C GLY G 103 18.75 31.52 7.23
N THR G 104 18.05 32.47 6.60
CA THR G 104 18.24 33.87 6.87
C THR G 104 16.88 34.47 7.21
N GLN G 105 16.71 34.96 8.42
CA GLN G 105 15.48 35.63 8.77
C GLN G 105 15.52 37.03 8.18
N LEU G 106 14.55 37.35 7.32
CA LEU G 106 14.51 38.65 6.67
C LEU G 106 13.52 39.57 7.38
N THR G 107 14.03 40.69 7.90
CA THR G 107 13.17 41.67 8.57
C THR G 107 12.83 42.79 7.59
N VAL G 108 11.55 43.16 7.55
CA VAL G 108 11.10 44.29 6.74
C VAL G 108 10.61 45.41 7.66
N LEU G 109 11.10 46.62 7.45
CA LEU G 109 10.72 47.74 8.29
C LEU G 109 9.32 48.26 7.98
N GLN H 1 -6.95 16.09 3.04
CA GLN H 1 -5.67 16.63 2.59
C GLN H 1 -5.24 15.96 1.29
N ALA H 2 -4.34 16.60 0.56
CA ALA H 2 -3.79 16.03 -0.66
C ALA H 2 -2.50 15.25 -0.37
N VAL H 3 -2.33 14.11 -1.02
CA VAL H 3 -1.09 13.34 -0.86
C VAL H 3 -0.41 13.03 -2.18
N VAL H 4 0.91 12.81 -2.11
CA VAL H 4 1.66 12.36 -3.26
C VAL H 4 1.91 10.86 -3.14
N THR H 5 1.57 10.11 -4.18
CA THR H 5 1.61 8.65 -4.09
C THR H 5 2.66 7.98 -4.99
N GLN H 6 3.42 7.06 -4.41
CA GLN H 6 4.41 6.26 -5.11
C GLN H 6 4.13 4.82 -4.79
N GLU H 7 4.50 3.91 -5.69
CA GLU H 7 4.38 2.49 -5.37
C GLU H 7 5.40 2.15 -4.31
N PRO H 8 4.97 1.38 -3.30
CA PRO H 8 5.87 1.15 -2.17
C PRO H 8 7.13 0.39 -2.59
N SER H 9 6.99 -0.45 -3.61
CA SER H 9 8.05 -1.38 -3.93
C SER H 9 7.94 -1.89 -5.36
N VAL H 10 9.03 -1.78 -6.10
CA VAL H 10 9.14 -2.35 -7.45
C VAL H 10 10.43 -3.17 -7.58
N THR H 11 10.41 -4.13 -8.49
CA THR H 11 11.54 -5.04 -8.70
C THR H 11 11.93 -5.05 -10.17
N VAL H 12 13.24 -5.06 -10.42
CA VAL H 12 13.77 -5.10 -11.76
C VAL H 12 15.00 -5.99 -11.73
N SER H 13 15.32 -6.64 -12.83
CA SER H 13 16.54 -7.43 -12.88
C SER H 13 17.62 -6.60 -13.54
N PRO H 14 18.91 -6.98 -13.37
CA PRO H 14 20.03 -6.24 -13.97
C PRO H 14 19.89 -6.10 -15.48
N GLY H 15 20.02 -4.87 -15.98
CA GLY H 15 19.92 -4.60 -17.42
C GLY H 15 18.52 -4.25 -17.85
N GLY H 16 17.57 -4.52 -16.98
CA GLY H 16 16.18 -4.21 -17.24
C GLY H 16 15.86 -2.73 -17.11
N THR H 17 14.65 -2.40 -17.54
CA THR H 17 14.13 -1.05 -17.48
C THR H 17 12.90 -1.08 -16.56
N VAL H 18 12.78 -0.11 -15.68
CA VAL H 18 11.66 -0.08 -14.77
C VAL H 18 11.13 1.34 -14.62
N ILE H 19 9.82 1.49 -14.51
CA ILE H 19 9.18 2.81 -14.36
C ILE H 19 8.69 3.04 -12.93
N LEU H 20 9.10 4.14 -12.32
CA LEU H 20 8.53 4.52 -11.02
C LEU H 20 7.58 5.69 -11.23
N THR H 21 6.40 5.62 -10.62
CA THR H 21 5.40 6.65 -10.83
C THR H 21 5.14 7.49 -9.59
N CYS H 22 4.55 8.64 -9.83
CA CYS H 22 4.33 9.61 -8.78
C CYS H 22 3.06 10.38 -9.09
N GLY H 23 2.03 10.18 -8.28
CA GLY H 23 0.73 10.77 -8.55
C GLY H 23 0.28 11.75 -7.50
N SER H 24 -0.71 12.55 -7.86
CA SER H 24 -1.34 13.45 -6.92
C SER H 24 -2.73 12.90 -6.61
N SER H 25 -3.13 12.96 -5.34
CA SER H 25 -4.42 12.38 -4.95
C SER H 25 -5.57 13.16 -5.53
N THR H 26 -5.31 14.42 -5.88
CA THR H 26 -6.38 15.34 -6.22
C THR H 26 -6.43 15.69 -7.69
N GLY H 27 -5.51 15.15 -8.49
CA GLY H 27 -5.53 15.50 -9.90
C GLY H 27 -4.40 14.92 -10.72
N ALA H 28 -4.38 15.27 -12.00
CA ALA H 28 -3.30 14.88 -12.88
C ALA H 28 -2.05 15.70 -12.57
N VAL H 29 -0.91 15.05 -12.60
CA VAL H 29 0.36 15.74 -12.42
C VAL H 29 0.73 16.39 -13.73
N THR H 30 1.11 17.67 -13.68
CA THR H 30 1.51 18.40 -14.87
C THR H 30 2.91 18.93 -14.70
N SER H 31 3.44 19.55 -15.74
CA SER H 31 4.78 20.10 -15.67
C SER H 31 4.79 21.28 -14.71
N GLY H 32 3.60 21.79 -14.41
CA GLY H 32 3.42 22.87 -13.45
C GLY H 32 3.58 22.44 -12.00
N HIS H 33 3.86 21.15 -11.80
CA HIS H 33 4.16 20.61 -10.48
C HIS H 33 5.66 20.55 -10.24
N TYR H 34 6.42 20.64 -11.33
CA TYR H 34 7.89 20.68 -11.26
C TYR H 34 8.47 19.50 -10.48
N ALA H 35 8.02 18.31 -10.82
CA ALA H 35 8.39 17.11 -10.07
C ALA H 35 9.90 17.01 -9.90
N ASN H 36 10.31 16.80 -8.65
CA ASN H 36 11.68 16.49 -8.31
C ASN H 36 11.74 15.04 -7.89
N TRP H 37 12.83 14.37 -8.25
CA TRP H 37 13.05 12.99 -7.81
C TRP H 37 14.33 12.93 -7.00
N PHE H 38 14.34 12.08 -5.98
CA PHE H 38 15.50 11.90 -5.12
C PHE H 38 15.81 10.41 -4.90
N GLN H 39 17.07 10.12 -4.61
CA GLN H 39 17.55 8.76 -4.41
C GLN H 39 18.28 8.63 -3.07
N GLN H 40 17.92 7.62 -2.30
CA GLN H 40 18.64 7.33 -1.06
C GLN H 40 19.09 5.87 -1.02
N LYS H 41 20.35 5.63 -1.41
CA LYS H 41 20.95 4.30 -1.33
C LYS H 41 21.11 3.92 0.12
N PRO H 42 21.01 2.61 0.42
CA PRO H 42 21.13 2.17 1.81
C PRO H 42 22.40 2.72 2.46
N GLY H 43 22.25 3.40 3.58
CA GLY H 43 23.38 3.92 4.33
C GLY H 43 24.01 5.19 3.79
N GLN H 44 23.58 5.64 2.62
CA GLN H 44 24.16 6.84 2.05
C GLN H 44 23.26 8.07 2.24
N ALA H 45 23.82 9.25 2.00
CA ALA H 45 23.06 10.49 2.06
C ALA H 45 22.26 10.65 0.78
N PRO H 46 21.00 11.11 0.91
CA PRO H 46 20.13 11.29 -0.26
C PRO H 46 20.75 12.22 -1.30
N ARG H 47 20.59 11.86 -2.57
CA ARG H 47 21.02 12.69 -3.67
C ARG H 47 19.78 13.18 -4.42
N ALA H 48 19.86 14.38 -4.98
CA ALA H 48 18.85 14.84 -5.93
C ALA H 48 19.20 14.30 -7.31
N LEU H 49 18.21 13.83 -8.06
CA LEU H 49 18.43 13.20 -9.36
C LEU H 49 17.73 13.91 -10.51
N ILE H 50 16.57 14.48 -10.24
CA ILE H 50 15.73 15.04 -11.30
C ILE H 50 15.02 16.24 -10.76
N PHE H 51 14.94 17.32 -11.54
CA PHE H 51 14.14 18.46 -11.15
C PHE H 51 13.40 18.97 -12.38
N GLU H 52 12.34 19.75 -12.15
CA GLU H 52 11.51 20.28 -13.23
C GLU H 52 11.00 19.17 -14.16
N THR H 53 10.49 18.09 -13.56
CA THR H 53 9.97 16.92 -14.28
C THR H 53 11.04 16.09 -15.00
N ASP H 54 11.90 16.74 -15.79
CA ASP H 54 12.82 15.97 -16.61
C ASP H 54 14.26 16.48 -16.68
N LYS H 55 14.60 17.46 -15.86
CA LYS H 55 15.95 18.04 -15.93
C LYS H 55 16.89 17.23 -15.03
N LYS H 56 18.07 16.92 -15.55
CA LYS H 56 19.06 16.15 -14.80
C LYS H 56 20.21 17.01 -14.28
N TYR H 57 20.89 16.49 -13.28
CA TYR H 57 22.11 17.09 -12.78
C TYR H 57 23.28 16.40 -13.47
N SER H 58 24.46 17.00 -13.30
CA SER H 58 25.70 16.45 -13.83
C SER H 58 25.92 15.03 -13.33
N TRP H 59 25.58 14.78 -12.07
CA TRP H 59 25.84 13.48 -11.45
C TRP H 59 24.67 12.51 -11.63
N THR H 60 23.66 12.91 -12.39
CA THR H 60 22.55 12.02 -12.64
C THR H 60 22.95 11.07 -13.74
N PRO H 61 22.96 9.77 -13.43
CA PRO H 61 23.27 8.77 -14.45
C PRO H 61 22.38 8.92 -15.68
N GLY H 62 22.95 8.73 -16.87
CA GLY H 62 22.21 8.87 -18.11
C GLY H 62 21.05 7.90 -18.25
N ARG H 63 21.17 6.73 -17.62
CA ARG H 63 20.14 5.72 -17.72
C ARG H 63 18.87 6.08 -16.91
N PHE H 64 18.92 7.20 -16.21
CA PHE H 64 17.78 7.70 -15.45
C PHE H 64 17.14 8.83 -16.22
N SER H 65 15.82 8.87 -16.29
CA SER H 65 15.16 10.05 -16.85
C SER H 65 13.73 10.26 -16.35
N GLY H 66 13.37 11.54 -16.24
CA GLY H 66 12.07 11.93 -15.74
C GLY H 66 11.12 12.28 -16.85
N SER H 67 9.83 12.05 -16.63
CA SER H 67 8.83 12.38 -17.61
C SER H 67 7.45 12.45 -16.96
N LEU H 68 6.49 12.96 -17.72
CA LEU H 68 5.10 12.79 -17.38
C LEU H 68 4.62 11.57 -18.13
N LEU H 69 3.81 10.77 -17.46
CA LEU H 69 3.38 9.51 -17.99
C LEU H 69 2.00 9.25 -17.45
N GLY H 70 1.03 9.18 -18.34
CA GLY H 70 -0.36 9.15 -17.93
C GLY H 70 -0.64 10.44 -17.19
N ALA H 71 -1.32 10.34 -16.06
CA ALA H 71 -1.61 11.50 -15.24
C ALA H 71 -0.57 11.64 -14.12
N LYS H 72 0.58 11.03 -14.29
CA LYS H 72 1.58 11.02 -13.22
C LYS H 72 2.94 11.50 -13.68
N ALA H 73 3.79 11.84 -12.74
CA ALA H 73 5.22 11.99 -13.00
C ALA H 73 5.82 10.61 -12.94
N ALA H 74 6.90 10.40 -13.67
CA ALA H 74 7.52 9.08 -13.73
C ALA H 74 9.03 9.21 -13.82
N LEU H 75 9.71 8.26 -13.19
CA LEU H 75 11.16 8.15 -13.27
C LEU H 75 11.45 6.81 -13.90
N THR H 76 12.09 6.82 -15.06
CA THR H 76 12.42 5.59 -15.76
C THR H 76 13.88 5.24 -15.59
N ILE H 77 14.14 4.01 -15.16
CA ILE H 77 15.51 3.56 -14.95
C ILE H 77 15.84 2.48 -15.95
N SER H 78 16.70 2.80 -16.92
CA SER H 78 17.15 1.87 -17.95
C SER H 78 18.43 1.17 -17.53
N ASP H 79 18.66 -0.02 -18.09
CA ASP H 79 19.88 -0.77 -17.83
C ASP H 79 20.24 -0.79 -16.35
N ALA H 80 19.26 -1.15 -15.53
CA ALA H 80 19.39 -1.14 -14.08
C ALA H 80 20.65 -1.86 -13.59
N GLN H 81 21.41 -1.15 -12.77
CA GLN H 81 22.63 -1.65 -12.16
C GLN H 81 22.31 -2.02 -10.72
N PRO H 82 23.06 -2.96 -10.15
CA PRO H 82 22.87 -3.34 -8.74
C PRO H 82 23.02 -2.15 -7.78
N GLU H 83 23.73 -1.11 -8.22
CA GLU H 83 23.92 0.11 -7.43
C GLU H 83 22.68 1.00 -7.46
N ASP H 84 21.70 0.65 -8.29
CA ASP H 84 20.46 1.41 -8.36
C ASP H 84 19.48 0.98 -7.29
N GLU H 85 19.84 -0.05 -6.53
CA GLU H 85 18.99 -0.51 -5.44
C GLU H 85 18.94 0.59 -4.40
N ALA H 86 17.78 1.21 -4.25
CA ALA H 86 17.67 2.39 -3.38
C ALA H 86 16.22 2.74 -3.07
N GLU H 87 16.03 3.72 -2.20
CA GLU H 87 14.72 4.27 -1.94
C GLU H 87 14.61 5.50 -2.83
N TYR H 88 13.51 5.65 -3.56
CA TYR H 88 13.35 6.80 -4.46
C TYR H 88 12.17 7.65 -4.06
N TYR H 89 12.36 8.95 -3.95
CA TYR H 89 11.30 9.84 -3.51
C TYR H 89 10.97 10.81 -4.62
N CYS H 90 9.69 11.08 -4.83
CA CYS H 90 9.38 12.21 -5.68
C CYS H 90 8.69 13.27 -4.85
N SER H 91 8.67 14.48 -5.39
CA SER H 91 8.06 15.59 -4.71
C SER H 91 7.37 16.44 -5.76
N LEU H 92 6.16 16.88 -5.44
CA LEU H 92 5.38 17.72 -6.33
C LEU H 92 5.11 19.01 -5.58
N SER H 93 4.98 20.11 -6.30
CA SER H 93 4.68 21.34 -5.60
C SER H 93 3.69 22.21 -6.34
N ASP H 94 3.15 23.19 -5.63
CA ASP H 94 2.31 24.22 -6.19
C ASP H 94 2.56 25.51 -5.43
N VAL H 95 1.67 26.47 -5.60
CA VAL H 95 1.79 27.76 -4.94
C VAL H 95 1.77 27.64 -3.40
N ASP H 96 1.11 26.60 -2.89
CA ASP H 96 0.94 26.42 -1.45
C ASP H 96 2.07 25.66 -0.75
N GLY H 97 2.89 24.95 -1.52
CA GLY H 97 4.01 24.23 -0.95
C GLY H 97 4.46 23.05 -1.80
N TYR H 98 5.27 22.19 -1.20
CA TYR H 98 5.71 20.97 -1.86
C TYR H 98 5.38 19.81 -0.94
N LEU H 99 5.08 18.66 -1.51
CA LEU H 99 4.82 17.46 -0.73
C LEU H 99 5.69 16.33 -1.26
N PHE H 100 6.10 15.42 -0.38
CA PHE H 100 6.86 14.24 -0.82
C PHE H 100 5.97 12.99 -0.88
N GLY H 101 6.28 12.09 -1.81
CA GLY H 101 5.65 10.80 -1.82
C GLY H 101 6.25 9.92 -0.74
N GLY H 102 5.64 8.77 -0.50
CA GLY H 102 6.11 7.86 0.52
C GLY H 102 7.41 7.15 0.16
N GLY H 103 7.90 7.35 -1.06
CA GLY H 103 9.10 6.64 -1.48
C GLY H 103 8.80 5.28 -2.09
N THR H 104 9.69 4.87 -2.99
CA THR H 104 9.62 3.57 -3.62
C THR H 104 10.90 2.81 -3.37
N GLN H 105 10.83 1.63 -2.75
CA GLN H 105 12.01 0.78 -2.69
C GLN H 105 12.24 0.11 -4.04
N LEU H 106 13.42 0.31 -4.64
CA LEU H 106 13.75 -0.40 -5.88
C LEU H 106 14.70 -1.55 -5.58
N THR H 107 14.25 -2.76 -5.84
CA THR H 107 15.11 -3.91 -5.72
C THR H 107 15.65 -4.32 -7.09
N VAL H 108 16.97 -4.48 -7.18
CA VAL H 108 17.63 -5.07 -8.34
C VAL H 108 18.23 -6.39 -7.88
N LEU H 109 18.18 -7.42 -8.72
CA LEU H 109 18.67 -8.75 -8.36
C LEU H 109 20.18 -8.95 -8.58
#